data_4D2G
#
_entry.id   4D2G
#
_cell.length_a   76.053
_cell.length_b   41.228
_cell.length_c   141.121
_cell.angle_alpha   90.00
_cell.angle_beta   105.39
_cell.angle_gamma   90.00
#
_symmetry.space_group_name_H-M   'P 1 21 1'
#
loop_
_entity.id
_entity.type
_entity.pdbx_description
1 polymer 'PROLIFERATING CELL NUCLEAR ANTIGEN'
2 polymer P15
3 water water
#
loop_
_entity_poly.entity_id
_entity_poly.type
_entity_poly.pdbx_seq_one_letter_code
_entity_poly.pdbx_strand_id
1 'polypeptide(L)'
;GPHMFEARLVQGSILKKVLEALKDLINEACWDISSSGVNLQSMDSSHVSLVQLTLRSEGFDTYRCDRNLAMGVNLTSMSK
ILKCAGNEDIITLRAEDNADTLALVFEAPNQEKVSDYEMKLMDLDVEQLGIPEQEYSCVVKMPSGEFARICRDLSHIGDA
VVISCAKDGVKFSASGELGNGNIKLSQTSNVDKEEEAVTIEMNEPVQLTFALRYLNFFTKATPLSSTVTLSMSADVPLVV
EYKIADMGHLKYYLAPKIEDEEGS
;
A,B,C
2 'polypeptide(L)' APVCVRPTPKWQKGIGEFFAA D,E
#
# COMPACT_ATOMS: atom_id res chain seq x y z
N GLY A 1 -1.58 -50.49 -4.23
CA GLY A 1 -2.88 -50.86 -3.70
C GLY A 1 -3.92 -49.91 -4.24
N PRO A 2 -4.22 -48.85 -3.47
CA PRO A 2 -5.10 -47.73 -3.84
C PRO A 2 -4.47 -46.84 -4.90
N HIS A 3 -5.26 -46.27 -5.80
CA HIS A 3 -4.68 -45.48 -6.91
C HIS A 3 -4.36 -44.03 -6.53
N MET A 4 -3.08 -43.77 -6.37
CA MET A 4 -2.65 -42.52 -5.78
C MET A 4 -2.27 -41.54 -6.86
N PHE A 5 -2.54 -40.26 -6.59
CA PHE A 5 -1.86 -39.16 -7.31
C PHE A 5 -1.06 -38.38 -6.29
N GLU A 6 0.21 -38.15 -6.58
CA GLU A 6 1.03 -37.44 -5.65
C GLU A 6 2.14 -36.64 -6.33
N ALA A 7 2.24 -35.35 -6.02
CA ALA A 7 3.25 -34.53 -6.67
C ALA A 7 4.04 -33.62 -5.72
N ARG A 8 5.36 -33.73 -5.71
CA ARG A 8 6.19 -32.85 -4.88
C ARG A 8 6.88 -31.77 -5.72
N LEU A 9 6.60 -30.52 -5.39
CA LEU A 9 7.24 -29.40 -6.07
C LEU A 9 8.06 -28.58 -5.08
N VAL A 10 9.38 -28.54 -5.25
CA VAL A 10 10.25 -27.78 -4.33
C VAL A 10 10.07 -26.27 -4.42
N GLN A 11 9.93 -25.74 -5.64
CA GLN A 11 9.57 -24.32 -5.77
C GLN A 11 8.06 -24.15 -5.71
N GLY A 12 7.52 -24.32 -4.51
CA GLY A 12 6.10 -24.19 -4.26
C GLY A 12 5.44 -22.94 -4.85
N SER A 13 6.13 -21.81 -4.78
CA SER A 13 5.62 -20.51 -5.26
C SER A 13 5.14 -20.49 -6.69
N ILE A 14 5.66 -21.38 -7.52
CA ILE A 14 5.04 -21.54 -8.85
C ILE A 14 3.55 -21.83 -8.69
N LEU A 15 3.22 -22.81 -7.85
CA LEU A 15 1.83 -23.21 -7.71
C LEU A 15 0.97 -22.07 -7.20
N LYS A 16 1.58 -21.31 -6.30
CA LYS A 16 0.94 -20.14 -5.73
C LYS A 16 0.55 -19.13 -6.78
N LYS A 17 1.53 -18.76 -7.60
CA LYS A 17 1.32 -17.82 -8.69
C LYS A 17 0.32 -18.30 -9.71
N VAL A 18 0.41 -19.57 -10.04
CA VAL A 18 -0.53 -20.19 -10.96
C VAL A 18 -1.97 -19.95 -10.50
N LEU A 19 -2.22 -20.04 -9.21
CA LEU A 19 -3.57 -19.80 -8.74
C LEU A 19 -3.99 -18.37 -8.74
N GLU A 20 -3.07 -17.46 -8.40
CA GLU A 20 -3.32 -16.02 -8.64
C GLU A 20 -3.76 -15.82 -10.10
N ALA A 21 -3.15 -16.56 -11.00
CA ALA A 21 -3.39 -16.33 -12.41
C ALA A 21 -4.76 -16.85 -12.84
N LEU A 22 -5.45 -17.62 -11.97
CA LEU A 22 -6.71 -18.28 -12.34
C LEU A 22 -7.92 -17.81 -11.53
N LYS A 23 -7.71 -17.61 -10.23
CA LYS A 23 -8.80 -17.44 -9.26
C LYS A 23 -9.77 -16.34 -9.69
N ASP A 24 -9.28 -15.31 -10.36
CA ASP A 24 -10.14 -14.16 -10.63
C ASP A 24 -11.00 -14.30 -11.88
N LEU A 25 -10.67 -15.28 -12.71
CA LEU A 25 -11.37 -15.53 -13.98
C LEU A 25 -12.20 -16.83 -13.98
N ILE A 26 -11.65 -17.88 -13.35
CA ILE A 26 -12.30 -19.19 -13.19
C ILE A 26 -12.67 -19.43 -11.73
N ASN A 27 -13.90 -19.83 -11.43
CA ASN A 27 -14.23 -20.19 -10.05
C ASN A 27 -13.88 -21.66 -9.76
N GLU A 28 -14.25 -22.52 -10.69
CA GLU A 28 -14.14 -23.97 -10.48
C GLU A 28 -13.81 -24.66 -11.82
N ALA A 29 -13.23 -25.85 -11.74
CA ALA A 29 -12.64 -26.47 -12.90
C ALA A 29 -12.15 -27.87 -12.57
N CYS A 30 -12.04 -28.72 -13.58
CA CYS A 30 -11.44 -30.02 -13.35
C CYS A 30 -9.96 -30.00 -13.61
N TRP A 31 -9.21 -30.59 -12.71
CA TRP A 31 -7.82 -30.88 -13.00
C TRP A 31 -7.75 -32.28 -13.61
N ASP A 32 -7.30 -32.38 -14.86
CA ASP A 32 -7.01 -33.65 -15.44
C ASP A 32 -5.61 -34.03 -14.98
N ILE A 33 -5.53 -35.13 -14.23
CA ILE A 33 -4.27 -35.68 -13.76
C ILE A 33 -3.99 -37.00 -14.47
N SER A 34 -2.83 -37.07 -15.10
CA SER A 34 -2.41 -38.32 -15.73
C SER A 34 -0.90 -38.48 -15.47
N SER A 35 -0.23 -39.41 -16.13
CA SER A 35 1.20 -39.48 -15.95
C SER A 35 1.92 -38.44 -16.82
N SER A 36 1.28 -38.01 -17.91
CA SER A 36 1.76 -36.88 -18.72
C SER A 36 2.01 -35.71 -17.79
N GLY A 37 1.01 -35.39 -16.99
CA GLY A 37 1.10 -34.28 -16.08
C GLY A 37 -0.25 -33.78 -15.63
N VAL A 38 -0.25 -32.53 -15.17
CA VAL A 38 -1.46 -31.86 -14.72
C VAL A 38 -1.90 -30.94 -15.83
N ASN A 39 -3.14 -31.13 -16.24
CA ASN A 39 -3.75 -30.40 -17.32
C ASN A 39 -5.08 -29.77 -16.82
N LEU A 40 -5.31 -28.47 -17.02
CA LEU A 40 -6.56 -27.85 -16.58
C LEU A 40 -7.22 -27.08 -17.73
N GLN A 41 -8.54 -27.12 -17.84
CA GLN A 41 -9.14 -26.49 -19.02
C GLN A 41 -10.60 -26.09 -18.85
N SER A 42 -10.84 -24.79 -18.81
CA SER A 42 -12.12 -24.22 -18.44
C SER A 42 -12.38 -22.90 -19.16
N MET A 43 -13.65 -22.63 -19.36
CA MET A 43 -14.11 -21.38 -19.89
C MET A 43 -14.55 -20.55 -18.69
N ASP A 44 -14.36 -19.23 -18.75
CA ASP A 44 -14.83 -18.34 -17.69
C ASP A 44 -16.35 -18.32 -17.74
N SER A 45 -17.03 -17.92 -16.65
CA SER A 45 -18.52 -17.97 -16.58
C SER A 45 -19.31 -17.22 -17.70
N SER A 46 -18.71 -16.19 -18.29
CA SER A 46 -19.34 -15.45 -19.37
C SER A 46 -19.05 -16.05 -20.73
N HIS A 47 -18.34 -17.16 -20.76
CA HIS A 47 -18.18 -17.94 -21.98
C HIS A 47 -17.46 -17.22 -23.09
N VAL A 48 -16.60 -16.27 -22.74
CA VAL A 48 -15.89 -15.51 -23.78
C VAL A 48 -14.43 -15.95 -23.93
N SER A 49 -13.79 -16.23 -22.80
CA SER A 49 -12.42 -16.69 -22.84
C SER A 49 -12.21 -18.07 -22.19
N LEU A 50 -11.19 -18.77 -22.67
CA LEU A 50 -10.88 -20.10 -22.22
C LEU A 50 -9.44 -20.19 -21.71
N VAL A 51 -9.24 -20.55 -20.45
CA VAL A 51 -7.88 -20.78 -20.01
C VAL A 51 -7.54 -22.29 -20.10
N GLN A 52 -6.29 -22.60 -20.40
CA GLN A 52 -5.81 -23.98 -20.48
C GLN A 52 -4.41 -24.02 -19.87
N LEU A 53 -4.22 -24.93 -18.94
CA LEU A 53 -3.01 -24.97 -18.13
C LEU A 53 -2.35 -26.32 -18.21
N THR A 54 -1.02 -26.34 -18.33
CA THR A 54 -0.28 -27.57 -18.50
C THR A 54 0.88 -27.66 -17.54
N LEU A 55 0.84 -28.59 -16.60
CA LEU A 55 2.02 -28.81 -15.76
C LEU A 55 2.51 -30.19 -16.03
N ARG A 56 3.53 -30.29 -16.85
CA ARG A 56 4.12 -31.59 -17.17
C ARG A 56 4.81 -32.22 -15.95
N SER A 57 4.57 -33.50 -15.75
CA SER A 57 5.18 -34.26 -14.63
C SER A 57 6.68 -34.15 -14.45
N GLU A 58 7.44 -34.02 -15.54
CA GLU A 58 8.87 -33.89 -15.40
C GLU A 58 9.25 -32.57 -14.74
N GLY A 59 8.32 -31.62 -14.77
CA GLY A 59 8.45 -30.37 -14.04
C GLY A 59 8.42 -30.54 -12.53
N PHE A 60 7.79 -31.62 -12.04
CA PHE A 60 7.67 -31.90 -10.63
C PHE A 60 8.84 -32.71 -10.14
N ASP A 61 9.36 -32.30 -8.99
CA ASP A 61 10.45 -33.03 -8.36
C ASP A 61 10.09 -34.49 -8.04
N THR A 62 8.84 -34.75 -7.69
CA THR A 62 8.32 -36.09 -7.49
C THR A 62 6.94 -36.14 -8.10
N TYR A 63 6.63 -37.23 -8.79
CA TYR A 63 5.34 -37.32 -9.40
C TYR A 63 4.93 -38.77 -9.52
N ARG A 64 3.69 -39.03 -9.15
CA ARG A 64 3.12 -40.35 -9.23
C ARG A 64 1.68 -40.17 -9.68
N CYS A 65 1.20 -41.05 -10.55
CA CYS A 65 -0.17 -41.00 -10.99
C CYS A 65 -0.61 -42.37 -11.48
N ASP A 66 -1.18 -43.17 -10.59
CA ASP A 66 -1.44 -44.57 -10.88
C ASP A 66 -2.46 -44.79 -11.98
N ARG A 67 -3.50 -44.00 -12.02
CA ARG A 67 -4.30 -44.00 -13.23
C ARG A 67 -4.88 -42.61 -13.45
N ASN A 68 -5.14 -42.26 -14.71
CA ASN A 68 -5.86 -41.01 -15.03
C ASN A 68 -7.04 -40.75 -14.08
N LEU A 69 -7.09 -39.58 -13.49
CA LEU A 69 -8.20 -39.23 -12.63
C LEU A 69 -8.48 -37.74 -12.79
N ALA A 70 -9.62 -37.29 -12.34
CA ALA A 70 -9.98 -35.89 -12.55
C ALA A 70 -10.57 -35.38 -11.26
N MET A 71 -10.15 -34.18 -10.83
CA MET A 71 -10.63 -33.59 -9.57
C MET A 71 -11.29 -32.25 -9.78
N GLY A 72 -12.53 -32.12 -9.35
CA GLY A 72 -13.19 -30.83 -9.32
C GLY A 72 -12.72 -29.96 -8.16
N VAL A 73 -12.15 -28.81 -8.53
CA VAL A 73 -11.63 -27.88 -7.56
C VAL A 73 -12.39 -26.57 -7.58
N ASN A 74 -12.60 -26.05 -6.38
CA ASN A 74 -12.93 -24.66 -6.14
C ASN A 74 -11.64 -23.82 -6.08
N LEU A 75 -11.33 -23.13 -7.18
CA LEU A 75 -10.10 -22.36 -7.33
C LEU A 75 -10.07 -21.24 -6.33
N THR A 76 -11.24 -20.84 -5.88
CA THR A 76 -11.30 -19.82 -4.86
C THR A 76 -10.78 -20.41 -3.56
N SER A 77 -11.32 -21.57 -3.16
CA SER A 77 -10.87 -22.29 -1.97
C SER A 77 -9.40 -22.65 -2.12
N MET A 78 -9.01 -23.12 -3.31
CA MET A 78 -7.63 -23.50 -3.52
C MET A 78 -6.69 -22.32 -3.35
N SER A 79 -7.07 -21.17 -3.88
CA SER A 79 -6.25 -19.95 -3.74
C SER A 79 -6.11 -19.49 -2.28
N LYS A 80 -7.22 -19.45 -1.53
CA LYS A 80 -7.19 -19.09 -0.11
C LYS A 80 -6.16 -19.94 0.61
N ILE A 81 -6.16 -21.22 0.29
CA ILE A 81 -5.33 -22.19 0.97
C ILE A 81 -3.89 -22.00 0.53
N LEU A 82 -3.67 -21.74 -0.75
CA LEU A 82 -2.29 -21.52 -1.17
C LEU A 82 -1.72 -20.20 -0.63
N LYS A 83 -2.54 -19.31 -0.12
CA LYS A 83 -1.96 -18.13 0.45
C LYS A 83 -1.37 -18.46 1.81
N CYS A 84 -1.70 -19.64 2.30
CA CYS A 84 -1.13 -20.13 3.56
C CYS A 84 0.28 -20.73 3.39
N ALA A 85 0.72 -20.88 2.14
CA ALA A 85 2.01 -21.46 1.86
C ALA A 85 3.11 -20.40 1.81
N GLY A 86 4.30 -20.72 2.31
CA GLY A 86 5.43 -19.85 2.14
C GLY A 86 5.94 -19.75 0.71
N ASN A 87 6.51 -18.59 0.39
CA ASN A 87 7.17 -18.44 -0.92
C ASN A 87 8.31 -19.43 -1.11
N GLU A 88 8.92 -19.90 0.00
CA GLU A 88 10.04 -20.85 -0.05
C GLU A 88 9.59 -22.28 0.24
N ASP A 89 8.34 -22.45 0.65
CA ASP A 89 7.81 -23.76 1.08
C ASP A 89 7.89 -24.80 -0.03
N ILE A 90 8.18 -26.04 0.35
CA ILE A 90 8.04 -27.17 -0.56
C ILE A 90 6.62 -27.68 -0.51
N ILE A 91 6.03 -27.88 -1.68
CA ILE A 91 4.62 -28.17 -1.73
C ILE A 91 4.36 -29.51 -2.31
N THR A 92 3.54 -30.28 -1.61
CA THR A 92 3.11 -31.60 -2.06
C THR A 92 1.59 -31.64 -2.25
N LEU A 93 1.11 -32.32 -3.29
CA LEU A 93 -0.31 -32.59 -3.43
C LEU A 93 -0.54 -34.07 -3.40
N ARG A 94 -1.70 -34.43 -2.91
CA ARG A 94 -1.96 -35.84 -2.64
C ARG A 94 -3.47 -36.11 -2.53
N ALA A 95 -3.95 -36.99 -3.40
CA ALA A 95 -5.33 -37.47 -3.43
C ALA A 95 -5.40 -38.92 -3.90
N GLU A 96 -6.39 -39.69 -3.46
CA GLU A 96 -6.57 -40.98 -4.13
C GLU A 96 -7.64 -40.80 -5.18
N ASP A 97 -7.82 -41.78 -6.06
CA ASP A 97 -8.88 -41.73 -7.04
C ASP A 97 -10.24 -41.69 -6.35
N ASN A 98 -11.17 -41.00 -6.98
CA ASN A 98 -12.48 -40.74 -6.42
C ASN A 98 -12.46 -40.02 -5.07
N ALA A 99 -11.47 -39.17 -4.85
CA ALA A 99 -11.35 -38.43 -3.59
C ALA A 99 -12.33 -37.27 -3.43
N ASP A 100 -12.70 -37.00 -2.17
CA ASP A 100 -13.57 -35.89 -1.91
C ASP A 100 -12.77 -34.80 -1.22
N THR A 101 -11.48 -35.04 -1.14
CA THR A 101 -10.58 -34.09 -0.51
C THR A 101 -9.20 -34.12 -1.14
N LEU A 102 -8.55 -32.97 -1.20
CA LEU A 102 -7.19 -32.93 -1.68
C LEU A 102 -6.29 -32.55 -0.52
N ALA A 103 -5.20 -33.32 -0.37
CA ALA A 103 -4.18 -32.97 0.58
C ALA A 103 -3.18 -31.98 -0.05
N LEU A 104 -2.95 -30.84 0.61
CA LEU A 104 -1.87 -29.94 0.24
C LEU A 104 -0.94 -29.83 1.44
N VAL A 105 0.35 -30.04 1.23
CA VAL A 105 1.21 -30.04 2.39
C VAL A 105 2.34 -29.10 2.07
N PHE A 106 2.64 -28.24 3.03
CA PHE A 106 3.65 -27.21 2.84
C PHE A 106 4.71 -27.45 3.89
N GLU A 107 5.93 -27.65 3.38
CA GLU A 107 7.13 -27.88 4.18
C GLU A 107 8.03 -26.67 4.13
N ALA A 108 8.38 -26.10 5.26
CA ALA A 108 9.49 -25.15 5.32
C ALA A 108 10.84 -25.79 4.93
N PRO A 109 11.74 -25.00 4.37
CA PRO A 109 13.11 -25.50 4.08
C PRO A 109 13.86 -26.19 5.25
N ASN A 110 13.80 -25.62 6.46
CA ASN A 110 14.51 -26.17 7.62
C ASN A 110 13.92 -27.46 8.17
N GLN A 111 12.69 -27.75 7.77
CA GLN A 111 11.95 -28.93 8.20
C GLN A 111 11.55 -28.91 9.68
N GLU A 112 11.39 -27.71 10.21
CA GLU A 112 10.93 -27.60 11.58
C GLU A 112 9.43 -27.20 11.64
N LYS A 113 8.91 -26.74 10.50
CA LYS A 113 7.52 -26.34 10.35
C LYS A 113 6.88 -27.04 9.17
N VAL A 114 5.68 -27.57 9.39
CA VAL A 114 4.93 -28.29 8.38
C VAL A 114 3.42 -27.98 8.49
N SER A 115 2.79 -27.65 7.38
CA SER A 115 1.36 -27.40 7.43
C SER A 115 0.68 -28.35 6.51
N ASP A 116 -0.52 -28.74 6.84
CA ASP A 116 -1.29 -29.47 5.86
C ASP A 116 -2.74 -29.06 5.86
N TYR A 117 -3.28 -29.01 4.67
CA TYR A 117 -4.64 -28.61 4.46
C TYR A 117 -5.38 -29.70 3.70
N GLU A 118 -6.53 -30.10 4.23
CA GLU A 118 -7.32 -31.06 3.52
C GLU A 118 -8.46 -30.27 2.87
N MET A 119 -8.45 -30.17 1.55
CA MET A 119 -9.38 -29.24 0.91
C MET A 119 -10.58 -29.97 0.39
N LYS A 120 -11.79 -29.49 0.64
CA LYS A 120 -12.94 -30.19 0.05
C LYS A 120 -12.93 -30.12 -1.48
N LEU A 121 -13.22 -31.24 -2.16
CA LEU A 121 -13.43 -31.19 -3.60
C LEU A 121 -14.92 -31.04 -3.97
N MET A 122 -15.20 -31.00 -5.28
CA MET A 122 -16.57 -30.96 -5.76
C MET A 122 -16.74 -31.99 -6.85
N ASP A 123 -17.96 -32.44 -7.11
CA ASP A 123 -18.06 -33.27 -8.29
C ASP A 123 -18.44 -32.32 -9.41
N LEU A 124 -17.65 -32.39 -10.47
CA LEU A 124 -17.91 -31.63 -11.68
C LEU A 124 -17.74 -32.55 -12.86
N ASP A 125 -18.67 -32.46 -13.81
CA ASP A 125 -18.55 -33.17 -15.09
C ASP A 125 -17.78 -32.32 -16.09
N VAL A 126 -16.53 -32.60 -16.40
CA VAL A 126 -15.91 -31.76 -17.42
C VAL A 126 -15.42 -32.60 -18.59
N GLU A 127 -15.92 -32.22 -19.77
CA GLU A 127 -15.70 -32.96 -20.99
C GLU A 127 -14.81 -32.17 -21.91
N GLN A 128 -14.50 -32.72 -23.10
CA GLN A 128 -14.19 -31.85 -24.24
C GLN A 128 -12.88 -31.03 -24.20
N LEU A 129 -12.42 -30.57 -25.38
CA LEU A 129 -11.45 -29.47 -25.48
C LEU A 129 -11.08 -29.41 -26.95
N GLY A 130 -11.99 -29.96 -27.79
CA GLY A 130 -12.11 -29.57 -29.22
C GLY A 130 -11.46 -28.22 -29.57
N ILE A 131 -10.13 -28.16 -29.32
CA ILE A 131 -9.20 -27.09 -29.66
C ILE A 131 -8.16 -27.62 -30.66
N PRO A 132 -8.42 -27.41 -31.96
CA PRO A 132 -7.48 -27.77 -33.02
C PRO A 132 -6.21 -26.93 -32.91
N GLU A 133 -5.04 -27.53 -33.05
CA GLU A 133 -3.79 -26.77 -33.14
C GLU A 133 -3.71 -26.14 -34.54
N GLN A 134 -3.40 -24.85 -34.59
CA GLN A 134 -3.76 -24.05 -35.75
C GLN A 134 -2.62 -23.14 -36.21
N GLU A 135 -2.76 -22.63 -37.44
CA GLU A 135 -1.79 -21.71 -38.04
C GLU A 135 -2.27 -20.25 -37.90
N TYR A 136 -1.47 -19.38 -37.27
CA TYR A 136 -1.90 -17.98 -37.09
C TYR A 136 -1.24 -17.02 -38.13
N SER A 137 -1.96 -15.95 -38.53
CA SER A 137 -1.43 -14.94 -39.47
C SER A 137 -0.32 -14.10 -38.85
N CYS A 138 -0.30 -14.07 -37.51
CA CYS A 138 0.71 -13.28 -36.76
C CYS A 138 1.09 -13.78 -35.36
N VAL A 139 2.38 -13.92 -35.12
CA VAL A 139 2.77 -14.25 -33.78
C VAL A 139 3.80 -13.29 -33.22
N VAL A 140 3.52 -12.81 -32.01
CA VAL A 140 4.24 -11.71 -31.42
C VAL A 140 4.70 -12.06 -30.01
N LYS A 141 5.99 -11.90 -29.76
CA LYS A 141 6.57 -12.26 -28.47
C LYS A 141 7.33 -11.09 -27.85
N MET A 142 7.06 -10.80 -26.58
CA MET A 142 7.45 -9.56 -25.93
C MET A 142 7.49 -9.72 -24.43
N PRO A 143 8.16 -8.82 -23.72
CA PRO A 143 8.24 -8.92 -22.25
C PRO A 143 6.85 -8.90 -21.57
N SER A 144 6.64 -9.73 -20.57
CA SER A 144 5.30 -9.82 -20.02
C SER A 144 4.90 -8.56 -19.25
N GLY A 145 5.85 -7.94 -18.53
CA GLY A 145 5.64 -6.67 -17.81
C GLY A 145 5.28 -5.51 -18.74
N GLU A 146 5.83 -5.52 -19.96
CA GLU A 146 5.46 -4.58 -20.98
C GLU A 146 4.05 -4.76 -21.50
N PHE A 147 3.69 -6.00 -21.83
CA PHE A 147 2.32 -6.24 -22.28
C PHE A 147 1.36 -5.83 -21.18
N ALA A 148 1.72 -6.12 -19.94
CA ALA A 148 0.86 -5.81 -18.80
C ALA A 148 0.72 -4.29 -18.59
N ARG A 149 1.83 -3.57 -18.69
CA ARG A 149 1.85 -2.13 -18.65
C ARG A 149 0.96 -1.53 -19.75
N ILE A 150 1.10 -2.01 -20.98
CA ILE A 150 0.20 -1.61 -22.06
C ILE A 150 -1.29 -1.79 -21.74
N CYS A 151 -1.71 -2.98 -21.32
CA CYS A 151 -3.12 -3.19 -21.01
C CYS A 151 -3.57 -2.30 -19.87
N ARG A 152 -2.66 -2.06 -18.95
CA ARG A 152 -2.95 -1.24 -17.79
C ARG A 152 -3.18 0.18 -18.32
N ASP A 153 -2.27 0.67 -19.15
CA ASP A 153 -2.40 2.02 -19.67
C ASP A 153 -3.60 2.18 -20.64
N LEU A 154 -3.74 1.31 -21.62
CA LEU A 154 -4.89 1.49 -22.50
C LEU A 154 -6.22 1.39 -21.77
N SER A 155 -6.24 0.78 -20.59
CA SER A 155 -7.54 0.65 -19.92
C SER A 155 -7.99 1.95 -19.24
N HIS A 156 -7.16 2.99 -19.26
CA HIS A 156 -7.57 4.35 -18.82
C HIS A 156 -8.24 5.11 -19.96
N ILE A 157 -7.90 4.73 -21.18
CA ILE A 157 -8.40 5.42 -22.36
C ILE A 157 -9.74 4.82 -22.73
N GLY A 158 -9.77 3.52 -22.98
CA GLY A 158 -11.02 2.85 -23.33
C GLY A 158 -11.18 1.46 -22.77
N ASP A 159 -12.11 0.69 -23.37
CA ASP A 159 -12.34 -0.64 -22.86
C ASP A 159 -12.26 -1.69 -23.97
N ALA A 160 -11.85 -1.27 -25.15
CA ALA A 160 -11.53 -2.22 -26.21
C ALA A 160 -10.18 -1.79 -26.76
N VAL A 161 -9.43 -2.73 -27.34
CA VAL A 161 -8.15 -2.40 -27.90
C VAL A 161 -8.05 -2.99 -29.30
N VAL A 162 -7.65 -2.17 -30.27
CA VAL A 162 -7.39 -2.71 -31.57
C VAL A 162 -5.95 -3.15 -31.56
N ILE A 163 -5.68 -4.39 -31.89
CA ILE A 163 -4.31 -4.79 -32.15
C ILE A 163 -4.03 -4.85 -33.66
N SER A 164 -2.96 -4.20 -34.09
CA SER A 164 -2.65 -4.18 -35.51
C SER A 164 -1.20 -4.46 -35.64
N CYS A 165 -0.83 -5.56 -36.28
CA CYS A 165 0.61 -5.76 -36.52
C CYS A 165 0.97 -6.01 -37.97
N ALA A 166 2.20 -5.59 -38.25
CA ALA A 166 2.82 -5.59 -39.56
C ALA A 166 4.20 -6.26 -39.45
N LYS A 167 5.03 -6.13 -40.47
CA LYS A 167 6.33 -6.75 -40.39
C LYS A 167 7.16 -6.01 -39.36
N ASP A 168 7.16 -4.68 -39.45
CA ASP A 168 8.06 -3.87 -38.62
C ASP A 168 7.71 -3.91 -37.13
N GLY A 169 6.43 -3.93 -36.81
CA GLY A 169 5.99 -3.92 -35.42
C GLY A 169 4.51 -4.13 -35.24
N VAL A 170 4.07 -4.06 -34.00
CA VAL A 170 2.65 -4.15 -33.68
C VAL A 170 2.19 -2.89 -32.96
N LYS A 171 0.95 -2.51 -33.19
CA LYS A 171 0.36 -1.34 -32.60
C LYS A 171 -0.91 -1.72 -31.83
N PHE A 172 -1.08 -1.11 -30.66
CA PHE A 172 -2.25 -1.29 -29.82
C PHE A 172 -2.99 0.00 -29.66
N SER A 173 -4.30 -0.01 -29.88
CA SER A 173 -5.06 1.21 -29.85
C SER A 173 -6.36 1.16 -29.05
N ALA A 174 -6.60 2.20 -28.26
CA ALA A 174 -7.85 2.36 -27.55
C ALA A 174 -8.48 3.74 -27.81
N SER A 175 -9.70 3.96 -27.34
CA SER A 175 -10.36 5.26 -27.47
C SER A 175 -11.62 5.35 -26.68
N GLY A 176 -11.87 6.53 -26.11
CA GLY A 176 -13.00 6.78 -25.21
C GLY A 176 -13.26 8.25 -25.02
N GLU A 177 -13.79 8.62 -23.87
CA GLU A 177 -14.20 10.00 -23.61
C GLU A 177 -12.99 10.91 -23.28
N LEU A 178 -11.97 10.37 -22.61
CA LEU A 178 -10.72 11.12 -22.45
C LEU A 178 -10.06 11.47 -23.78
N GLY A 179 -9.83 10.48 -24.63
CA GLY A 179 -9.15 10.73 -25.89
C GLY A 179 -8.78 9.43 -26.58
N ASN A 180 -7.80 9.47 -27.47
CA ASN A 180 -7.28 8.27 -28.08
C ASN A 180 -5.87 7.99 -27.67
N GLY A 181 -5.53 6.70 -27.62
CA GLY A 181 -4.19 6.24 -27.32
C GLY A 181 -3.72 5.21 -28.33
N ASN A 182 -2.45 5.32 -28.72
CA ASN A 182 -1.87 4.35 -29.60
C ASN A 182 -0.51 4.02 -29.09
N ILE A 183 -0.30 2.77 -28.65
CA ILE A 183 1.02 2.34 -28.21
C ILE A 183 1.63 1.53 -29.36
N LYS A 184 2.85 1.87 -29.80
CA LYS A 184 3.46 1.14 -30.93
C LYS A 184 4.75 0.50 -30.53
N LEU A 185 4.82 -0.79 -30.80
CA LEU A 185 5.96 -1.64 -30.50
C LEU A 185 6.60 -2.20 -31.74
N SER A 186 7.88 -1.87 -31.92
CA SER A 186 8.64 -2.28 -33.07
C SER A 186 9.56 -3.45 -32.72
N GLN A 187 9.92 -4.25 -33.72
CA GLN A 187 10.73 -5.44 -33.53
C GLN A 187 12.11 -5.08 -33.00
N THR A 188 12.55 -5.78 -31.96
CA THR A 188 13.89 -5.57 -31.51
C THR A 188 14.65 -6.55 -32.34
N SER A 189 15.24 -6.05 -33.42
CA SER A 189 16.09 -6.90 -34.21
C SER A 189 17.12 -7.28 -33.22
N ASN A 190 17.86 -6.23 -32.89
CA ASN A 190 19.06 -6.23 -32.10
C ASN A 190 19.65 -7.59 -31.67
N VAL A 191 20.11 -7.62 -30.42
CA VAL A 191 20.84 -8.73 -29.82
C VAL A 191 20.63 -8.61 -28.32
N ASP A 192 19.75 -9.43 -27.74
CA ASP A 192 19.40 -9.22 -26.34
C ASP A 192 18.89 -10.41 -25.50
N LYS A 193 18.77 -10.15 -24.19
CA LYS A 193 18.18 -11.08 -23.23
C LYS A 193 16.68 -11.12 -23.45
N GLU A 194 16.15 -12.33 -23.52
CA GLU A 194 14.80 -12.57 -24.04
C GLU A 194 13.71 -11.76 -23.33
N GLU A 195 13.95 -11.37 -22.08
CA GLU A 195 13.00 -10.55 -21.33
C GLU A 195 12.98 -9.04 -21.68
N GLU A 196 13.68 -8.64 -22.74
CA GLU A 196 13.56 -7.28 -23.28
C GLU A 196 13.30 -7.27 -24.79
N ALA A 197 13.35 -8.46 -25.38
CA ALA A 197 13.21 -8.61 -26.83
C ALA A 197 11.79 -8.40 -27.30
N VAL A 198 11.63 -8.00 -28.55
CA VAL A 198 10.32 -7.99 -29.21
C VAL A 198 10.51 -8.58 -30.58
N THR A 199 9.74 -9.62 -30.86
CA THR A 199 9.91 -10.40 -32.05
C THR A 199 8.58 -10.67 -32.69
N ILE A 200 8.54 -10.53 -34.01
CA ILE A 200 7.30 -10.75 -34.74
C ILE A 200 7.49 -11.81 -35.84
N GLU A 201 6.53 -12.73 -35.91
CA GLU A 201 6.47 -13.73 -36.95
C GLU A 201 5.19 -13.43 -37.72
N MET A 202 5.27 -13.31 -39.04
CA MET A 202 4.10 -12.84 -39.76
C MET A 202 3.88 -13.46 -41.15
N ASN A 203 2.63 -13.85 -41.40
CA ASN A 203 2.16 -14.34 -42.69
C ASN A 203 1.28 -13.28 -43.36
N GLU A 204 0.51 -12.58 -42.53
CA GLU A 204 -0.46 -11.61 -43.04
C GLU A 204 -0.95 -10.62 -41.95
N PRO A 205 -1.03 -9.32 -42.29
CA PRO A 205 -1.47 -8.35 -41.27
C PRO A 205 -2.85 -8.65 -40.71
N VAL A 206 -2.92 -8.62 -39.40
CA VAL A 206 -4.19 -8.74 -38.73
C VAL A 206 -4.47 -7.40 -38.10
N GLN A 207 -5.74 -7.11 -37.95
CA GLN A 207 -6.18 -5.96 -37.19
C GLN A 207 -7.44 -6.37 -36.44
N LEU A 208 -7.33 -6.59 -35.14
CA LEU A 208 -8.44 -7.22 -34.43
C LEU A 208 -8.73 -6.48 -33.13
N THR A 209 -9.95 -6.62 -32.64
CA THR A 209 -10.42 -5.90 -31.49
C THR A 209 -10.75 -6.84 -30.40
N PHE A 210 -10.31 -6.51 -29.18
CA PHE A 210 -10.56 -7.33 -27.99
C PHE A 210 -10.96 -6.47 -26.80
N ALA A 211 -11.84 -6.98 -25.94
CA ALA A 211 -12.22 -6.22 -24.76
C ALA A 211 -11.04 -6.24 -23.75
N LEU A 212 -10.73 -5.09 -23.16
CA LEU A 212 -9.59 -4.94 -22.27
C LEU A 212 -9.82 -5.44 -20.84
N ARG A 213 -11.08 -5.70 -20.45
CA ARG A 213 -11.35 -6.34 -19.18
C ARG A 213 -10.56 -7.65 -19.13
N TYR A 214 -10.77 -8.47 -20.15
CA TYR A 214 -10.27 -9.83 -20.17
C TYR A 214 -8.78 -9.80 -20.18
N LEU A 215 -8.24 -9.00 -21.10
CA LEU A 215 -6.80 -8.92 -21.20
C LEU A 215 -6.24 -8.57 -19.86
N ASN A 216 -6.95 -7.73 -19.13
CA ASN A 216 -6.32 -7.33 -17.89
C ASN A 216 -6.29 -8.49 -16.90
N PHE A 217 -7.15 -9.48 -17.07
CA PHE A 217 -7.15 -10.64 -16.20
C PHE A 217 -5.99 -11.58 -16.54
N PHE A 218 -5.76 -11.82 -17.82
CA PHE A 218 -4.67 -12.66 -18.29
C PHE A 218 -3.33 -12.20 -17.72
N THR A 219 -3.20 -10.91 -17.48
CA THR A 219 -1.92 -10.34 -17.06
C THR A 219 -1.56 -10.68 -15.59
N LYS A 220 -2.50 -11.25 -14.84
CA LYS A 220 -2.21 -11.82 -13.52
C LYS A 220 -1.26 -13.03 -13.62
N ALA A 221 -1.08 -13.59 -14.80
CA ALA A 221 -0.03 -14.58 -15.03
C ALA A 221 1.37 -13.99 -14.98
N THR A 222 1.47 -12.67 -15.14
CA THR A 222 2.74 -11.98 -15.40
C THR A 222 3.90 -12.48 -14.55
N PRO A 223 3.67 -12.76 -13.24
CA PRO A 223 4.81 -13.28 -12.46
C PRO A 223 5.35 -14.64 -12.90
N LEU A 224 4.64 -15.35 -13.75
CA LEU A 224 5.05 -16.70 -14.11
C LEU A 224 6.04 -16.77 -15.22
N SER A 225 6.08 -15.72 -16.06
CA SER A 225 6.91 -15.73 -17.27
C SER A 225 7.52 -14.37 -17.59
N SER A 226 8.79 -14.38 -17.96
CA SER A 226 9.44 -13.16 -18.38
C SER A 226 8.86 -12.70 -19.74
N THR A 227 8.33 -13.64 -20.52
CA THR A 227 7.79 -13.29 -21.80
C THR A 227 6.34 -13.69 -21.80
N VAL A 228 5.70 -13.48 -22.94
CA VAL A 228 4.29 -13.72 -23.16
C VAL A 228 4.19 -13.68 -24.67
N THR A 229 3.28 -14.47 -25.21
CA THR A 229 3.24 -14.65 -26.65
C THR A 229 1.82 -14.51 -27.13
N LEU A 230 1.59 -13.72 -28.18
CA LEU A 230 0.23 -13.50 -28.66
C LEU A 230 0.06 -14.01 -30.06
N SER A 231 -1.02 -14.75 -30.32
CA SER A 231 -1.23 -15.38 -31.62
C SER A 231 -2.58 -14.98 -32.17
N MET A 232 -2.60 -14.48 -33.40
CA MET A 232 -3.77 -13.82 -33.98
C MET A 232 -4.09 -14.29 -35.39
N SER A 233 -5.38 -14.43 -35.69
CA SER A 233 -5.91 -14.71 -37.05
C SER A 233 -7.34 -14.13 -37.19
N ALA A 234 -7.88 -14.17 -38.40
CA ALA A 234 -9.08 -13.43 -38.82
C ALA A 234 -10.26 -13.46 -37.86
N ASP A 235 -10.92 -14.60 -37.73
CA ASP A 235 -11.73 -14.77 -36.53
C ASP A 235 -11.52 -16.19 -36.04
N VAL A 236 -10.26 -16.44 -35.76
CA VAL A 236 -9.86 -17.35 -34.75
C VAL A 236 -9.66 -16.54 -33.44
N PRO A 237 -9.90 -17.19 -32.28
CA PRO A 237 -9.62 -16.51 -31.01
C PRO A 237 -8.15 -16.17 -30.84
N LEU A 238 -7.86 -15.03 -30.22
CA LEU A 238 -6.49 -14.72 -29.81
C LEU A 238 -6.00 -15.65 -28.66
N VAL A 239 -4.72 -15.98 -28.67
CA VAL A 239 -4.23 -16.78 -27.55
C VAL A 239 -3.09 -16.03 -26.90
N VAL A 240 -3.13 -15.98 -25.58
CA VAL A 240 -2.16 -15.26 -24.81
C VAL A 240 -1.45 -16.30 -23.99
N GLU A 241 -0.13 -16.43 -24.15
CA GLU A 241 0.54 -17.58 -23.58
C GLU A 241 1.77 -17.33 -22.72
N TYR A 242 1.74 -17.92 -21.52
CA TYR A 242 2.81 -17.77 -20.54
C TYR A 242 3.45 -19.12 -20.27
N LYS A 243 4.76 -19.16 -20.48
CA LYS A 243 5.55 -20.30 -20.17
C LYS A 243 5.85 -20.32 -18.68
N ILE A 244 5.21 -21.20 -17.93
CA ILE A 244 5.68 -21.55 -16.57
C ILE A 244 6.99 -22.37 -16.64
N ALA A 245 8.15 -21.72 -16.56
CA ALA A 245 9.45 -22.34 -16.97
C ALA A 245 9.80 -23.75 -16.42
N ASP A 246 10.16 -24.63 -17.36
CA ASP A 246 10.46 -26.04 -17.12
C ASP A 246 9.33 -26.85 -16.54
N MET A 247 8.12 -26.34 -16.62
CA MET A 247 7.00 -27.12 -16.14
C MET A 247 5.93 -27.23 -17.16
N GLY A 248 5.56 -26.09 -17.75
CA GLY A 248 4.54 -26.03 -18.78
C GLY A 248 4.14 -24.62 -19.20
N HIS A 249 2.85 -24.45 -19.46
CA HIS A 249 2.36 -23.21 -20.02
C HIS A 249 0.95 -22.94 -19.56
N LEU A 250 0.55 -21.68 -19.75
CA LEU A 250 -0.76 -21.23 -19.36
C LEU A 250 -1.26 -20.39 -20.52
N LYS A 251 -2.36 -20.81 -21.17
CA LYS A 251 -2.80 -20.12 -22.37
C LYS A 251 -4.18 -19.55 -22.19
N TYR A 252 -4.35 -18.26 -22.45
CA TYR A 252 -5.70 -17.72 -22.42
C TYR A 252 -6.16 -17.55 -23.86
N TYR A 253 -7.45 -17.75 -24.11
CA TYR A 253 -8.08 -17.64 -25.45
C TYR A 253 -9.20 -16.56 -25.49
N LEU A 254 -9.12 -15.60 -26.40
CA LEU A 254 -10.14 -14.55 -26.39
C LEU A 254 -10.81 -14.40 -27.73
N ALA A 255 -12.12 -14.19 -27.71
CA ALA A 255 -12.87 -14.03 -28.95
C ALA A 255 -12.86 -12.55 -29.37
N PRO A 256 -12.43 -12.27 -30.61
CA PRO A 256 -12.45 -10.87 -31.03
C PRO A 256 -13.87 -10.28 -31.06
N LYS A 257 -14.00 -8.98 -31.37
CA LYS A 257 -15.34 -8.45 -31.58
C LYS A 257 -15.65 -8.65 -33.07
N ILE A 258 -16.94 -8.75 -33.39
CA ILE A 258 -17.48 -9.16 -34.70
C ILE A 258 -16.75 -10.39 -35.19
N HIS B 3 4.07 19.79 41.06
CA HIS B 3 3.85 18.35 41.23
C HIS B 3 3.49 17.77 39.87
N MET B 4 4.36 16.92 39.34
CA MET B 4 4.38 16.72 37.90
C MET B 4 4.96 15.37 37.50
N PHE B 5 4.47 14.83 36.39
CA PHE B 5 4.98 13.58 35.84
C PHE B 5 5.71 13.86 34.54
N GLU B 6 6.82 13.17 34.34
CA GLU B 6 7.56 13.29 33.10
C GLU B 6 8.44 12.09 32.86
N ALA B 7 8.24 11.42 31.72
CA ALA B 7 9.09 10.31 31.31
C ALA B 7 9.67 10.56 29.91
N ARG B 8 10.97 10.39 29.73
CA ARG B 8 11.58 10.61 28.44
C ARG B 8 12.07 9.27 27.95
N LEU B 9 11.64 8.92 26.76
CA LEU B 9 11.94 7.63 26.15
C LEU B 9 12.74 7.89 24.86
N VAL B 10 13.91 7.30 24.72
CA VAL B 10 14.74 7.63 23.57
C VAL B 10 14.16 6.90 22.37
N GLN B 11 14.04 5.59 22.53
CA GLN B 11 13.43 4.71 21.54
C GLN B 11 11.93 4.98 21.50
N GLY B 12 11.57 6.20 21.11
CA GLY B 12 10.19 6.65 21.09
C GLY B 12 9.28 5.81 20.22
N SER B 13 9.86 5.10 19.27
CA SER B 13 9.08 4.23 18.41
C SER B 13 8.26 3.21 19.21
N ILE B 14 8.82 2.75 20.34
CA ILE B 14 8.18 1.76 21.22
C ILE B 14 6.81 2.27 21.59
N LEU B 15 6.77 3.53 21.94
CA LEU B 15 5.48 4.10 22.31
C LEU B 15 4.51 4.04 21.14
N LYS B 16 5.00 4.28 19.92
CA LYS B 16 4.16 4.14 18.72
C LYS B 16 3.63 2.70 18.56
N LYS B 17 4.52 1.73 18.68
CA LYS B 17 4.11 0.38 18.44
C LYS B 17 3.11 -0.04 19.50
N VAL B 18 3.37 0.35 20.74
CA VAL B 18 2.43 0.06 21.81
C VAL B 18 1.03 0.60 21.48
N LEU B 19 0.93 1.83 21.00
CA LEU B 19 -0.42 2.30 20.73
C LEU B 19 -1.06 1.63 19.52
N GLU B 20 -0.29 1.39 18.45
CA GLU B 20 -0.81 0.65 17.31
C GLU B 20 -1.35 -0.69 17.75
N ALA B 21 -0.78 -1.26 18.81
CA ALA B 21 -1.23 -2.56 19.28
C ALA B 21 -2.47 -2.55 20.19
N LEU B 22 -2.75 -1.43 20.85
CA LEU B 22 -3.87 -1.35 21.75
C LEU B 22 -5.09 -0.77 21.05
N LYS B 23 -4.87 0.19 20.15
CA LYS B 23 -5.92 1.12 19.68
C LYS B 23 -7.15 0.40 19.13
N ASP B 24 -6.90 -0.73 18.46
CA ASP B 24 -7.94 -1.49 17.79
C ASP B 24 -8.78 -2.32 18.74
N LEU B 25 -8.15 -2.71 19.84
CA LEU B 25 -8.76 -3.56 20.84
C LEU B 25 -9.56 -2.76 21.90
N ILE B 26 -9.03 -1.60 22.24
CA ILE B 26 -9.43 -0.77 23.38
C ILE B 26 -9.67 0.65 22.95
N ASN B 27 -10.81 1.24 23.28
CA ASN B 27 -11.00 2.62 22.85
C ASN B 27 -10.39 3.61 23.87
N GLU B 28 -10.54 3.28 25.14
CA GLU B 28 -10.10 4.15 26.21
C GLU B 28 -9.49 3.34 27.33
N ALA B 29 -8.35 3.77 27.83
CA ALA B 29 -7.86 3.16 29.07
C ALA B 29 -7.21 4.19 29.97
N CYS B 30 -7.19 3.82 31.23
CA CYS B 30 -6.56 4.60 32.27
C CYS B 30 -5.08 4.24 32.36
N TRP B 31 -4.18 5.23 32.37
CA TRP B 31 -2.75 4.95 32.61
C TRP B 31 -2.40 5.26 34.08
N ASP B 32 -2.21 4.19 34.84
CA ASP B 32 -1.64 4.27 36.18
C ASP B 32 -0.17 4.68 36.17
N ILE B 33 0.15 5.87 36.67
CA ILE B 33 1.54 6.29 36.80
C ILE B 33 2.01 6.18 38.25
N SER B 34 3.19 5.64 38.46
CA SER B 34 3.76 5.63 39.80
C SER B 34 5.28 5.58 39.74
N SER B 35 5.93 5.54 40.90
CA SER B 35 7.38 5.61 40.91
C SER B 35 7.99 4.48 40.08
N SER B 36 7.32 3.33 40.09
CA SER B 36 7.88 2.13 39.49
C SER B 36 7.54 2.01 38.00
N GLY B 37 6.86 3.00 37.44
CA GLY B 37 6.64 3.01 36.02
C GLY B 37 5.18 3.21 35.60
N VAL B 38 4.88 2.68 34.42
CA VAL B 38 3.56 2.78 33.82
C VAL B 38 2.85 1.42 33.79
N ASN B 39 1.57 1.49 34.08
CA ASN B 39 0.77 0.32 34.15
C ASN B 39 -0.62 0.58 33.56
N LEU B 40 -0.92 -0.07 32.45
CA LEU B 40 -2.23 0.01 31.83
C LEU B 40 -2.90 -1.37 31.85
N GLN B 41 -4.17 -1.41 32.26
CA GLN B 41 -4.97 -2.64 32.23
C GLN B 41 -6.38 -2.33 31.68
N SER B 42 -6.89 -3.18 30.81
CA SER B 42 -8.22 -2.96 30.25
C SER B 42 -8.83 -4.25 29.71
N MET B 43 -10.16 -4.35 29.80
CA MET B 43 -10.94 -5.28 28.99
C MET B 43 -11.23 -4.60 27.64
N ASP B 44 -11.43 -5.40 26.59
CA ASP B 44 -11.89 -4.83 25.32
C ASP B 44 -13.37 -4.56 25.43
N SER B 45 -13.85 -3.71 24.51
CA SER B 45 -15.24 -3.25 24.47
C SER B 45 -16.32 -4.32 24.68
N SER B 46 -15.98 -5.61 24.60
CA SER B 46 -16.95 -6.69 24.77
C SER B 46 -16.64 -7.71 25.87
N HIS B 47 -15.61 -7.42 26.68
CA HIS B 47 -15.40 -8.18 27.92
C HIS B 47 -14.89 -9.63 27.76
N VAL B 48 -14.37 -9.91 26.59
CA VAL B 48 -13.91 -11.26 26.30
C VAL B 48 -12.45 -11.39 26.71
N SER B 49 -11.71 -10.34 26.42
CA SER B 49 -10.29 -10.38 26.65
C SER B 49 -9.85 -9.23 27.55
N LEU B 50 -8.62 -9.34 27.98
CA LEU B 50 -8.03 -8.41 28.90
C LEU B 50 -6.59 -8.16 28.38
N VAL B 51 -6.14 -6.92 28.46
CA VAL B 51 -4.82 -6.55 28.02
C VAL B 51 -4.14 -5.85 29.18
N GLN B 52 -2.87 -6.15 29.40
CA GLN B 52 -2.14 -5.58 30.53
C GLN B 52 -0.80 -5.10 30.00
N LEU B 53 -0.41 -3.87 30.32
CA LEU B 53 0.83 -3.32 29.75
C LEU B 53 1.68 -2.79 30.85
N THR B 54 2.93 -3.22 30.93
CA THR B 54 3.90 -2.69 31.92
C THR B 54 5.10 -1.99 31.28
N LEU B 55 5.38 -0.76 31.69
CA LEU B 55 6.61 -0.07 31.24
C LEU B 55 7.33 0.36 32.49
N ARG B 56 8.44 -0.29 32.80
CA ARG B 56 9.14 -0.02 34.05
C ARG B 56 9.93 1.28 33.95
N SER B 57 9.99 2.03 35.03
CA SER B 57 10.66 3.33 35.01
C SER B 57 12.17 3.27 34.76
N GLU B 58 12.81 2.14 34.97
CA GLU B 58 14.25 1.94 34.70
C GLU B 58 14.51 2.04 33.22
N GLY B 59 13.51 1.67 32.43
CA GLY B 59 13.64 1.65 30.98
C GLY B 59 13.65 3.01 30.34
N PHE B 60 13.22 4.02 31.09
CA PHE B 60 13.23 5.38 30.55
C PHE B 60 14.58 5.99 30.80
N ASP B 61 15.00 6.94 29.96
CA ASP B 61 16.17 7.76 30.27
C ASP B 61 15.90 8.76 31.32
N THR B 62 14.63 9.07 31.54
CA THR B 62 14.30 10.06 32.53
C THR B 62 12.91 9.78 33.05
N TYR B 63 12.78 9.68 34.37
CA TYR B 63 11.49 9.33 34.91
C TYR B 63 11.27 10.10 36.18
N ARG B 64 10.19 10.87 36.24
CA ARG B 64 9.89 11.70 37.40
C ARG B 64 8.42 11.62 37.75
N CYS B 65 8.11 11.28 38.98
CA CYS B 65 6.74 11.10 39.36
C CYS B 65 6.50 11.49 40.81
N ASP B 66 6.06 12.72 41.01
CA ASP B 66 5.72 13.29 42.32
C ASP B 66 4.60 12.55 43.03
N ARG B 67 3.48 12.39 42.33
CA ARG B 67 2.26 11.79 42.87
C ARG B 67 1.76 10.65 42.00
N ASN B 68 1.13 9.63 42.58
CA ASN B 68 0.48 8.65 41.74
C ASN B 68 -0.68 9.26 40.94
N LEU B 69 -0.71 9.03 39.62
CA LEU B 69 -1.80 9.50 38.77
C LEU B 69 -2.52 8.38 38.09
N ALA B 70 -3.75 8.66 37.72
CA ALA B 70 -4.49 7.81 36.82
C ALA B 70 -5.00 8.72 35.71
N MET B 71 -4.26 8.76 34.61
CA MET B 71 -4.67 9.54 33.45
C MET B 71 -5.59 8.81 32.44
N GLY B 72 -6.86 9.17 32.40
CA GLY B 72 -7.77 8.59 31.43
C GLY B 72 -7.50 9.04 30.01
N VAL B 73 -7.11 8.09 29.18
CA VAL B 73 -6.66 8.42 27.84
C VAL B 73 -7.58 7.83 26.76
N ASN B 74 -7.82 8.57 25.69
CA ASN B 74 -8.48 8.00 24.52
C ASN B 74 -7.36 7.45 23.62
N LEU B 75 -7.30 6.12 23.46
CA LEU B 75 -6.12 5.49 22.84
C LEU B 75 -6.00 5.83 21.35
N THR B 76 -7.14 6.11 20.77
CA THR B 76 -7.26 6.44 19.37
C THR B 76 -6.76 7.87 19.09
N SER B 77 -7.04 8.80 19.98
CA SER B 77 -6.46 10.13 19.81
C SER B 77 -4.98 10.07 20.05
N MET B 78 -4.60 9.35 21.10
CA MET B 78 -3.19 9.30 21.43
C MET B 78 -2.42 8.63 20.28
N SER B 79 -3.05 7.71 19.55
CA SER B 79 -2.42 7.08 18.41
C SER B 79 -2.28 8.03 17.21
N LYS B 80 -3.33 8.78 16.93
CA LYS B 80 -3.25 9.81 15.90
C LYS B 80 -2.07 10.75 16.15
N ILE B 81 -1.89 11.17 17.39
CA ILE B 81 -0.88 12.13 17.75
C ILE B 81 0.51 11.51 17.63
N LEU B 82 0.63 10.21 17.86
CA LEU B 82 1.95 9.56 17.78
C LEU B 82 2.28 9.16 16.34
N LYS B 83 1.30 9.11 15.45
CA LYS B 83 1.64 8.90 14.02
C LYS B 83 2.45 10.12 13.57
N CYS B 84 2.22 11.25 14.23
CA CYS B 84 2.99 12.46 13.97
C CYS B 84 4.41 12.47 14.56
N ALA B 85 4.80 11.42 15.27
CA ALA B 85 6.19 11.31 15.71
C ALA B 85 6.95 10.57 14.64
N GLY B 86 8.18 10.99 14.36
CA GLY B 86 9.05 10.24 13.46
C GLY B 86 9.48 9.00 14.19
N ASN B 87 10.07 8.04 13.49
CA ASN B 87 10.42 6.76 14.13
C ASN B 87 11.70 6.83 14.98
N GLU B 88 12.60 7.77 14.66
CA GLU B 88 13.84 7.94 15.41
C GLU B 88 13.67 9.04 16.46
N ASP B 89 12.43 9.40 16.73
CA ASP B 89 12.13 10.48 17.66
C ASP B 89 12.25 10.09 19.10
N ILE B 90 12.99 10.89 19.83
CA ILE B 90 12.99 10.89 21.27
C ILE B 90 11.66 11.46 21.77
N ILE B 91 10.94 10.70 22.57
CA ILE B 91 9.60 11.10 22.97
C ILE B 91 9.48 11.29 24.47
N THR B 92 8.77 12.33 24.90
CA THR B 92 8.54 12.64 26.31
C THR B 92 7.08 12.79 26.62
N LEU B 93 6.68 12.20 27.74
CA LEU B 93 5.33 12.33 28.23
C LEU B 93 5.43 13.33 29.37
N ARG B 94 4.42 14.16 29.57
CA ARG B 94 4.51 15.17 30.61
C ARG B 94 3.11 15.44 31.06
N ALA B 95 2.88 15.53 32.37
CA ALA B 95 1.54 15.82 32.86
C ALA B 95 1.62 16.71 34.08
N GLU B 96 0.51 17.32 34.49
CA GLU B 96 0.60 18.31 35.56
C GLU B 96 -0.22 17.91 36.78
N ASP B 97 -0.68 16.66 36.81
CA ASP B 97 -1.52 16.16 37.91
C ASP B 97 -2.86 16.91 37.89
N ASN B 98 -2.82 18.23 38.04
CA ASN B 98 -4.03 19.02 37.83
C ASN B 98 -4.16 19.42 36.38
N ALA B 99 -5.37 19.86 36.02
CA ALA B 99 -5.86 19.81 34.66
C ALA B 99 -5.72 18.37 34.19
N ASP B 100 -6.49 17.98 33.21
CA ASP B 100 -6.12 16.71 32.65
C ASP B 100 -5.79 16.94 31.17
N THR B 101 -4.52 17.27 31.02
CA THR B 101 -3.81 17.36 29.78
C THR B 101 -2.61 16.45 29.90
N LEU B 102 -2.40 15.63 28.91
CA LEU B 102 -1.12 14.94 28.78
C LEU B 102 -0.32 15.57 27.64
N ALA B 103 0.98 15.70 27.84
CA ALA B 103 1.84 16.37 26.88
C ALA B 103 2.79 15.38 26.22
N LEU B 104 2.69 15.26 24.89
CA LEU B 104 3.61 14.45 24.15
C LEU B 104 4.57 15.37 23.38
N VAL B 105 5.84 15.35 23.77
CA VAL B 105 6.89 16.13 23.12
C VAL B 105 7.77 15.23 22.25
N PHE B 106 7.96 15.58 20.98
CA PHE B 106 8.77 14.79 20.04
C PHE B 106 10.03 15.54 19.70
N GLU B 107 11.18 14.88 19.65
CA GLU B 107 12.39 15.60 19.23
C GLU B 107 13.20 14.89 18.12
N ALA B 108 13.57 15.62 17.07
CA ALA B 108 14.38 15.01 16.03
C ALA B 108 15.83 14.85 16.50
N PRO B 109 16.46 13.72 16.17
CA PRO B 109 17.85 13.54 16.60
C PRO B 109 18.79 14.46 15.83
N ASN B 110 18.28 15.15 14.81
CA ASN B 110 19.03 16.25 14.25
C ASN B 110 19.13 17.41 15.26
N GLN B 111 18.04 17.58 16.01
CA GLN B 111 17.81 18.59 17.06
C GLN B 111 17.34 19.94 16.51
N GLU B 112 16.88 19.99 15.26
CA GLU B 112 16.48 21.27 14.68
C GLU B 112 14.96 21.47 14.68
N LYS B 113 14.26 20.38 15.02
CA LYS B 113 12.80 20.30 14.98
C LYS B 113 12.21 19.72 16.27
N VAL B 114 11.24 20.39 16.87
CA VAL B 114 10.62 19.92 18.10
C VAL B 114 9.11 20.10 18.11
N SER B 115 8.33 19.03 18.22
CA SER B 115 6.86 19.17 18.27
C SER B 115 6.27 18.85 19.66
N ASP B 116 5.36 19.69 20.17
CA ASP B 116 4.56 19.32 21.34
C ASP B 116 3.05 19.17 21.01
N TYR B 117 2.47 18.04 21.40
CA TYR B 117 1.03 17.88 21.29
C TYR B 117 0.41 17.73 22.68
N GLU B 118 -0.61 18.53 22.93
CA GLU B 118 -1.34 18.54 24.18
C GLU B 118 -2.63 17.83 23.95
N MET B 119 -2.77 16.67 24.56
CA MET B 119 -3.96 15.87 24.41
C MET B 119 -4.84 16.00 25.62
N LYS B 120 -6.13 16.00 25.36
CA LYS B 120 -7.14 16.14 26.39
C LYS B 120 -7.32 14.79 27.11
N LEU B 121 -7.68 14.77 28.40
CA LEU B 121 -7.86 13.49 29.09
C LEU B 121 -9.31 13.30 29.42
N MET B 122 -9.73 12.07 29.69
CA MET B 122 -11.10 11.83 30.11
C MET B 122 -11.13 11.56 31.59
N ASP B 123 -12.30 11.55 32.18
CA ASP B 123 -12.45 11.01 33.52
C ASP B 123 -12.90 9.57 33.34
N LEU B 124 -12.15 8.62 33.86
CA LEU B 124 -12.54 7.22 33.71
C LEU B 124 -12.72 6.51 35.03
N ASP B 125 -13.45 5.41 34.93
CA ASP B 125 -13.55 4.42 35.98
C ASP B 125 -12.17 3.75 36.19
N VAL B 126 -11.67 3.91 37.41
CA VAL B 126 -10.60 3.10 37.99
C VAL B 126 -11.02 1.61 38.13
N GLU B 127 -10.55 0.75 37.24
CA GLU B 127 -10.99 -0.65 37.22
C GLU B 127 -9.87 -1.70 37.08
N GLN B 128 -9.32 -2.14 38.21
CA GLN B 128 -8.42 -3.26 38.15
C GLN B 128 -9.20 -4.58 38.29
N LEU B 129 -8.65 -5.62 37.68
CA LEU B 129 -9.09 -7.00 37.84
C LEU B 129 -7.85 -7.64 38.40
N GLY B 130 -8.00 -8.56 39.35
CA GLY B 130 -6.84 -9.21 39.96
C GLY B 130 -6.37 -10.38 39.11
N ILE B 131 -5.17 -10.26 38.56
CA ILE B 131 -4.59 -11.35 37.77
C ILE B 131 -3.69 -12.23 38.62
N PRO B 132 -4.05 -13.51 38.68
CA PRO B 132 -3.47 -14.45 39.64
C PRO B 132 -2.12 -14.99 39.20
N GLU B 133 -1.21 -15.09 40.17
CA GLU B 133 0.11 -15.73 40.03
C GLU B 133 -0.16 -17.16 39.60
N GLN B 134 0.69 -17.74 38.78
CA GLN B 134 0.25 -18.99 38.18
C GLN B 134 1.36 -19.80 37.52
N GLU B 135 1.24 -21.13 37.63
CA GLU B 135 1.96 -22.05 36.77
C GLU B 135 1.06 -22.52 35.64
N TYR B 136 1.65 -22.92 34.53
CA TYR B 136 0.90 -23.28 33.35
C TYR B 136 1.34 -24.65 32.94
N SER B 137 0.46 -25.40 32.30
CA SER B 137 0.79 -26.76 31.89
C SER B 137 1.74 -26.73 30.75
N CYS B 138 1.59 -25.72 29.90
CA CYS B 138 2.44 -25.61 28.73
C CYS B 138 2.71 -24.13 28.44
N VAL B 139 3.95 -23.84 28.04
CA VAL B 139 4.42 -22.51 27.73
C VAL B 139 5.24 -22.63 26.44
N VAL B 140 4.82 -21.88 25.44
CA VAL B 140 5.43 -22.02 24.14
C VAL B 140 6.11 -20.72 23.76
N LYS B 141 7.41 -20.76 23.56
CA LYS B 141 8.06 -19.56 23.11
C LYS B 141 8.36 -19.73 21.61
N MET B 142 8.03 -18.74 20.81
CA MET B 142 8.19 -18.84 19.35
C MET B 142 8.38 -17.47 18.69
N PRO B 143 8.73 -17.44 17.38
CA PRO B 143 8.88 -16.08 16.87
C PRO B 143 7.53 -15.39 16.66
N SER B 144 7.45 -14.08 16.96
CA SER B 144 6.18 -13.37 16.92
C SER B 144 5.57 -13.38 15.52
N GLY B 145 6.44 -13.38 14.52
CA GLY B 145 5.99 -13.44 13.15
C GLY B 145 5.41 -14.77 12.75
N GLU B 146 6.03 -15.88 13.11
CA GLU B 146 5.42 -17.17 12.79
C GLU B 146 4.03 -17.28 13.43
N PHE B 147 3.90 -16.85 14.69
CA PHE B 147 2.63 -16.96 15.40
C PHE B 147 1.62 -16.10 14.68
N ALA B 148 2.03 -14.87 14.34
CA ALA B 148 1.21 -13.98 13.51
C ALA B 148 0.78 -14.65 12.19
N ARG B 149 1.70 -15.29 11.45
CA ARG B 149 1.36 -16.00 10.22
C ARG B 149 0.36 -17.09 10.49
N ILE B 150 0.55 -17.79 11.58
CA ILE B 150 -0.31 -18.91 11.83
C ILE B 150 -1.75 -18.45 12.05
N CYS B 151 -1.98 -17.38 12.83
CA CYS B 151 -3.37 -16.93 13.08
C CYS B 151 -4.03 -16.39 11.79
N ARG B 152 -3.27 -15.64 11.03
CA ARG B 152 -3.75 -15.15 9.79
C ARG B 152 -4.20 -16.31 8.90
N ASP B 153 -3.36 -17.35 8.76
CA ASP B 153 -3.68 -18.39 7.77
C ASP B 153 -4.91 -19.22 8.17
N LEU B 154 -4.99 -19.55 9.45
CA LEU B 154 -6.07 -20.38 9.95
C LEU B 154 -7.38 -19.64 9.95
N SER B 155 -7.31 -18.31 9.94
CA SER B 155 -8.54 -17.54 9.94
C SER B 155 -9.24 -17.63 8.59
N HIS B 156 -8.48 -17.92 7.54
CA HIS B 156 -9.01 -18.40 6.25
C HIS B 156 -9.68 -19.79 6.28
N ILE B 157 -9.60 -20.49 7.39
CA ILE B 157 -10.12 -21.82 7.46
C ILE B 157 -11.37 -21.89 8.38
N GLY B 158 -11.27 -21.28 9.56
CA GLY B 158 -12.33 -21.38 10.56
C GLY B 158 -12.25 -20.21 11.51
N ASP B 159 -13.06 -20.23 12.56
CA ASP B 159 -13.03 -19.09 13.47
C ASP B 159 -12.50 -19.51 14.81
N ALA B 160 -12.16 -20.78 14.95
CA ALA B 160 -11.41 -21.22 16.13
C ALA B 160 -10.11 -21.92 15.76
N VAL B 161 -9.10 -21.81 16.61
CA VAL B 161 -7.90 -22.61 16.45
C VAL B 161 -7.71 -23.58 17.64
N VAL B 162 -7.53 -24.86 17.34
CA VAL B 162 -7.25 -25.76 18.45
C VAL B 162 -5.73 -25.79 18.69
N ILE B 163 -5.29 -25.53 19.90
CA ILE B 163 -3.87 -25.63 20.16
C ILE B 163 -3.46 -26.92 20.94
N SER B 164 -2.82 -27.88 20.26
CA SER B 164 -2.37 -29.16 20.83
C SER B 164 -0.88 -29.10 21.15
N CYS B 165 -0.54 -29.30 22.40
CA CYS B 165 0.81 -29.07 22.84
C CYS B 165 1.42 -30.30 23.46
N ALA B 166 2.44 -30.85 22.82
CA ALA B 166 3.19 -31.97 23.41
C ALA B 166 4.50 -31.46 23.96
N LYS B 167 5.36 -32.40 24.29
CA LYS B 167 6.59 -32.13 25.01
C LYS B 167 7.54 -31.45 24.07
N ASP B 168 7.59 -31.91 22.82
CA ASP B 168 8.58 -31.37 21.90
C ASP B 168 7.99 -30.87 20.56
N GLY B 169 6.71 -30.50 20.57
CA GLY B 169 6.10 -29.84 19.44
C GLY B 169 4.72 -29.29 19.76
N VAL B 170 4.23 -28.35 18.94
CA VAL B 170 2.87 -27.87 19.08
C VAL B 170 2.13 -27.81 17.73
N LYS B 171 0.85 -28.15 17.77
CA LYS B 171 0.04 -28.13 16.56
C LYS B 171 -1.10 -27.10 16.66
N PHE B 172 -1.43 -26.47 15.56
CA PHE B 172 -2.51 -25.50 15.48
C PHE B 172 -3.43 -25.96 14.36
N SER B 173 -4.66 -26.33 14.70
CA SER B 173 -5.66 -26.86 13.74
C SER B 173 -6.94 -25.99 13.58
N ALA B 174 -7.50 -25.96 12.36
CA ALA B 174 -8.79 -25.31 12.11
C ALA B 174 -9.69 -26.13 11.19
N SER B 175 -10.99 -25.80 11.17
CA SER B 175 -12.03 -26.37 10.30
C SER B 175 -13.00 -25.36 9.82
N GLY B 176 -13.65 -25.69 8.72
CA GLY B 176 -14.60 -24.80 8.11
C GLY B 176 -15.04 -25.33 6.77
N GLU B 177 -15.75 -24.48 6.05
CA GLU B 177 -16.37 -24.85 4.79
C GLU B 177 -15.38 -25.31 3.72
N LEU B 178 -14.16 -24.79 3.73
CA LEU B 178 -13.12 -25.22 2.80
C LEU B 178 -12.49 -26.59 3.12
N GLY B 179 -12.46 -26.97 4.40
CA GLY B 179 -11.67 -28.12 4.82
C GLY B 179 -10.90 -27.91 6.12
N ASN B 180 -9.96 -28.81 6.40
CA ASN B 180 -9.12 -28.70 7.58
C ASN B 180 -7.80 -28.00 7.30
N GLY B 181 -7.19 -27.49 8.36
CA GLY B 181 -5.80 -27.06 8.35
C GLY B 181 -5.09 -27.41 9.65
N ASN B 182 -3.84 -27.85 9.58
CA ASN B 182 -3.03 -28.14 10.77
C ASN B 182 -1.64 -27.60 10.56
N ILE B 183 -1.08 -26.91 11.57
CA ILE B 183 0.27 -26.39 11.45
C ILE B 183 1.19 -26.91 12.61
N LYS B 184 2.23 -27.67 12.26
CA LYS B 184 3.05 -28.30 13.27
C LYS B 184 4.40 -27.65 13.37
N LEU B 185 4.72 -27.14 14.54
CA LEU B 185 6.06 -26.62 14.79
C LEU B 185 6.76 -27.58 15.68
N SER B 186 7.99 -27.96 15.33
CA SER B 186 8.76 -28.78 16.24
C SER B 186 9.68 -27.94 17.10
N GLN B 187 9.92 -28.38 18.33
CA GLN B 187 10.94 -27.70 19.13
C GLN B 187 12.28 -27.68 18.37
N THR B 188 12.94 -26.55 18.42
CA THR B 188 14.18 -26.39 17.70
C THR B 188 15.39 -26.69 18.59
N SER B 189 16.42 -27.27 17.96
CA SER B 189 17.70 -27.60 18.58
C SER B 189 18.22 -26.43 19.38
N ASN B 190 18.26 -25.29 18.69
CA ASN B 190 18.86 -23.99 19.08
C ASN B 190 20.39 -24.06 19.11
N VAL B 191 20.99 -23.07 19.81
CA VAL B 191 22.20 -22.34 19.39
C VAL B 191 22.45 -22.56 17.85
N ASP B 192 21.36 -22.69 17.11
CA ASP B 192 21.22 -22.08 15.84
C ASP B 192 20.64 -20.71 16.22
N LYS B 193 20.92 -19.66 15.41
CA LYS B 193 20.02 -18.52 15.34
C LYS B 193 19.98 -17.85 16.78
N GLU B 194 18.82 -17.30 17.21
CA GLU B 194 18.43 -17.26 18.62
C GLU B 194 16.92 -17.02 18.70
N GLU B 195 16.45 -15.95 18.13
CA GLU B 195 15.08 -15.60 18.37
C GLU B 195 14.17 -16.17 17.30
N GLU B 196 14.60 -17.26 16.66
CA GLU B 196 13.71 -18.07 15.83
C GLU B 196 13.67 -19.48 16.40
N ALA B 197 13.91 -19.55 17.68
CA ALA B 197 13.81 -20.81 18.33
C ALA B 197 12.33 -21.00 18.65
N VAL B 198 11.89 -22.25 18.59
CA VAL B 198 10.63 -22.67 19.13
C VAL B 198 10.97 -23.50 20.36
N THR B 199 10.39 -23.16 21.49
CA THR B 199 10.69 -23.84 22.72
C THR B 199 9.40 -24.12 23.46
N ILE B 200 9.23 -25.36 23.90
CA ILE B 200 8.07 -25.79 24.68
C ILE B 200 8.49 -26.26 26.04
N GLU B 201 7.93 -25.70 27.08
CA GLU B 201 8.03 -26.34 28.37
C GLU B 201 6.68 -26.97 28.77
N MET B 202 6.69 -28.29 28.91
CA MET B 202 5.44 -29.00 29.19
C MET B 202 5.39 -29.75 30.49
N ASN B 203 4.69 -29.23 31.47
CA ASN B 203 4.32 -29.97 32.70
C ASN B 203 3.14 -30.94 32.50
N GLU B 204 2.24 -30.61 31.60
CA GLU B 204 1.00 -31.35 31.37
C GLU B 204 0.46 -31.09 29.94
N PRO B 205 0.24 -32.14 29.15
CA PRO B 205 -0.17 -31.89 27.76
C PRO B 205 -1.50 -31.17 27.69
N VAL B 206 -1.64 -30.15 26.83
CA VAL B 206 -2.92 -29.43 26.69
C VAL B 206 -3.49 -29.64 25.30
N GLN B 207 -4.80 -29.43 25.18
CA GLN B 207 -5.53 -29.35 23.90
C GLN B 207 -6.68 -28.33 23.97
N LEU B 208 -6.41 -27.09 23.56
CA LEU B 208 -7.31 -25.97 23.88
C LEU B 208 -7.80 -25.14 22.67
N THR B 209 -9.04 -24.69 22.74
CA THR B 209 -9.69 -24.02 21.62
C THR B 209 -9.82 -22.53 21.91
N PHE B 210 -9.43 -21.71 20.93
CA PHE B 210 -9.50 -20.27 21.08
C PHE B 210 -10.11 -19.61 19.83
N ALA B 211 -10.72 -18.44 20.04
CA ALA B 211 -11.27 -17.63 18.97
C ALA B 211 -10.16 -16.94 18.15
N LEU B 212 -10.02 -17.32 16.89
CA LEU B 212 -9.07 -16.62 16.02
C LEU B 212 -9.40 -15.11 15.94
N ARG B 213 -10.66 -14.73 16.13
CA ARG B 213 -11.04 -13.34 16.11
C ARG B 213 -10.14 -12.50 17.03
N TYR B 214 -9.94 -12.99 18.25
CA TYR B 214 -9.14 -12.27 19.25
C TYR B 214 -7.61 -12.43 19.10
N LEU B 215 -7.14 -13.66 18.84
CA LEU B 215 -5.71 -13.90 18.56
C LEU B 215 -5.21 -12.90 17.50
N ASN B 216 -6.02 -12.57 16.51
CA ASN B 216 -5.52 -11.72 15.44
C ASN B 216 -5.42 -10.30 15.92
N PHE B 217 -6.15 -9.94 16.97
CA PHE B 217 -5.95 -8.59 17.55
C PHE B 217 -4.68 -8.55 18.32
N PHE B 218 -4.34 -9.69 18.91
CA PHE B 218 -3.14 -9.79 19.72
C PHE B 218 -1.90 -9.68 18.81
N THR B 219 -1.98 -10.20 17.60
CA THR B 219 -0.80 -10.26 16.78
C THR B 219 -0.41 -8.87 16.28
N LYS B 220 -1.21 -7.86 16.60
CA LYS B 220 -0.88 -6.48 16.22
C LYS B 220 0.27 -5.98 17.05
N ALA B 221 0.60 -6.72 18.10
CA ALA B 221 1.74 -6.32 18.93
C ALA B 221 3.05 -6.83 18.32
N THR B 222 2.95 -7.66 17.27
CA THR B 222 4.12 -8.28 16.65
C THR B 222 5.29 -7.33 16.39
N PRO B 223 5.04 -6.06 16.05
CA PRO B 223 6.26 -5.24 15.91
C PRO B 223 7.03 -4.98 17.18
N LEU B 224 6.45 -5.21 18.34
CA LEU B 224 7.13 -4.87 19.61
C LEU B 224 8.20 -5.88 20.03
N SER B 225 8.18 -7.05 19.44
CA SER B 225 9.05 -8.10 19.94
C SER B 225 9.37 -9.10 18.85
N SER B 226 10.56 -9.66 18.91
CA SER B 226 10.89 -10.73 17.98
C SER B 226 10.26 -12.06 18.43
N THR B 227 10.03 -12.25 19.74
CA THR B 227 9.42 -13.50 20.17
C THR B 227 8.05 -13.28 20.88
N VAL B 228 7.19 -14.29 20.91
CA VAL B 228 5.97 -14.26 21.67
C VAL B 228 5.92 -15.50 22.60
N THR B 229 5.37 -15.33 23.77
CA THR B 229 5.19 -16.46 24.64
C THR B 229 3.71 -16.79 24.84
N LEU B 230 3.41 -18.08 24.85
CA LEU B 230 2.07 -18.56 25.09
C LEU B 230 2.03 -19.45 26.33
N SER B 231 1.28 -19.05 27.32
CA SER B 231 1.13 -19.83 28.53
C SER B 231 -0.28 -20.42 28.62
N MET B 232 -0.40 -21.73 28.82
CA MET B 232 -1.71 -22.38 28.75
C MET B 232 -2.02 -23.41 29.82
N SER B 233 -3.28 -23.41 30.29
CA SER B 233 -3.85 -24.55 31.01
C SER B 233 -5.33 -24.74 30.64
N ALA B 234 -5.84 -25.94 30.84
CA ALA B 234 -7.28 -26.16 30.77
C ALA B 234 -8.02 -25.17 31.72
N ASP B 235 -9.20 -24.72 31.31
CA ASP B 235 -10.04 -23.89 32.20
C ASP B 235 -9.40 -22.59 32.77
N VAL B 236 -8.43 -22.02 32.06
CA VAL B 236 -7.65 -20.90 32.58
C VAL B 236 -7.32 -20.03 31.39
N PRO B 237 -7.48 -18.69 31.51
CA PRO B 237 -7.19 -17.82 30.36
C PRO B 237 -5.78 -18.05 29.77
N LEU B 238 -5.72 -18.12 28.45
CA LEU B 238 -4.45 -18.16 27.77
C LEU B 238 -3.73 -16.84 27.98
N VAL B 239 -2.42 -16.84 28.13
CA VAL B 239 -1.67 -15.59 28.17
C VAL B 239 -0.83 -15.53 26.93
N VAL B 240 -0.87 -14.41 26.22
CA VAL B 240 -0.02 -14.19 25.05
C VAL B 240 0.87 -13.01 25.39
N GLU B 241 2.17 -13.25 25.56
CA GLU B 241 3.05 -12.19 26.08
C GLU B 241 4.09 -11.69 25.09
N TYR B 242 4.18 -10.38 24.94
CA TYR B 242 5.21 -9.73 24.14
C TYR B 242 6.17 -8.97 25.04
N LYS B 243 7.45 -9.37 25.09
CA LYS B 243 8.50 -8.62 25.80
C LYS B 243 8.75 -7.37 25.01
N ILE B 244 8.56 -6.20 25.63
CA ILE B 244 9.01 -4.92 25.10
C ILE B 244 10.43 -4.62 25.57
N ALA B 245 11.41 -4.92 24.73
CA ALA B 245 12.79 -4.48 24.97
C ALA B 245 13.24 -4.99 26.30
N ASP B 246 13.95 -4.13 27.05
CA ASP B 246 14.51 -4.47 28.37
C ASP B 246 13.63 -3.84 29.49
N MET B 247 12.39 -3.50 29.14
CA MET B 247 11.68 -2.41 29.77
C MET B 247 10.25 -2.74 30.25
N GLY B 248 9.69 -3.85 29.77
CA GLY B 248 8.34 -4.22 30.14
C GLY B 248 7.74 -5.34 29.31
N HIS B 249 6.41 -5.37 29.21
CA HIS B 249 5.69 -6.44 28.50
C HIS B 249 4.31 -5.99 28.14
N LEU B 250 3.76 -6.58 27.09
CA LEU B 250 2.37 -6.44 26.77
C LEU B 250 1.77 -7.85 26.83
N LYS B 251 0.75 -8.00 27.69
CA LYS B 251 0.16 -9.30 27.93
C LYS B 251 -1.30 -9.26 27.46
N TYR B 252 -1.72 -10.29 26.74
CA TYR B 252 -3.14 -10.42 26.38
C TYR B 252 -3.77 -11.68 27.00
N TYR B 253 -4.99 -11.56 27.53
CA TYR B 253 -5.68 -12.71 28.19
C TYR B 253 -6.95 -13.15 27.47
N LEU B 254 -7.07 -14.44 27.18
CA LEU B 254 -8.26 -14.96 26.50
C LEU B 254 -8.63 -16.35 26.97
N ALA B 255 -9.88 -16.53 27.42
CA ALA B 255 -10.32 -17.83 27.93
C ALA B 255 -10.59 -18.80 26.82
N PRO B 256 -10.34 -20.08 27.08
CA PRO B 256 -10.60 -21.11 26.08
C PRO B 256 -11.98 -21.71 26.26
N LYS B 257 -12.43 -22.50 25.28
CA LYS B 257 -13.67 -23.28 25.38
C LYS B 257 -13.73 -24.06 26.72
N ILE B 258 -14.96 -24.19 27.26
CA ILE B 258 -15.29 -24.80 28.56
C ILE B 258 -14.27 -24.50 29.67
N GLY C 1 4.60 25.59 -44.17
CA GLY C 1 3.31 24.92 -44.32
C GLY C 1 2.42 24.90 -43.07
N PRO C 2 2.72 23.96 -42.12
CA PRO C 2 1.89 23.70 -40.91
C PRO C 2 2.38 24.42 -39.64
N HIS C 3 1.50 25.17 -38.97
CA HIS C 3 1.85 25.93 -37.75
C HIS C 3 1.79 25.08 -36.50
N MET C 4 2.85 24.37 -36.21
CA MET C 4 2.83 23.52 -35.06
C MET C 4 3.29 24.26 -33.81
N PHE C 5 2.94 23.65 -32.70
CA PHE C 5 3.63 23.81 -31.44
C PHE C 5 4.24 22.44 -31.10
N GLU C 6 5.49 22.46 -30.69
CA GLU C 6 6.17 21.23 -30.35
C GLU C 6 7.12 21.42 -29.21
N ALA C 7 6.90 20.70 -28.11
CA ALA C 7 7.86 20.74 -27.04
C ALA C 7 8.26 19.34 -26.63
N ARG C 8 9.54 19.07 -26.76
CA ARG C 8 10.14 17.83 -26.31
C ARG C 8 10.86 18.09 -24.99
N LEU C 9 10.43 17.36 -23.97
CA LEU C 9 11.04 17.46 -22.66
C LEU C 9 11.64 16.12 -22.34
N VAL C 10 12.97 16.05 -22.34
CA VAL C 10 13.64 14.80 -22.10
C VAL C 10 13.29 14.27 -20.71
N GLN C 11 13.44 15.09 -19.68
CA GLN C 11 13.00 14.76 -18.34
C GLN C 11 11.48 14.77 -18.22
N GLY C 12 10.81 13.92 -18.99
CA GLY C 12 9.36 13.88 -19.01
C GLY C 12 8.70 13.79 -17.65
N SER C 13 9.37 13.18 -16.66
CA SER C 13 8.86 13.08 -15.28
C SER C 13 8.45 14.46 -14.68
N ILE C 14 9.07 15.54 -15.13
CA ILE C 14 8.61 16.85 -14.72
C ILE C 14 7.14 17.10 -15.06
N LEU C 15 6.74 16.71 -16.26
CA LEU C 15 5.36 16.90 -16.66
C LEU C 15 4.43 16.07 -15.86
N LYS C 16 4.83 14.85 -15.53
CA LYS C 16 3.95 13.97 -14.77
C LYS C 16 3.72 14.57 -13.42
N LYS C 17 4.80 15.03 -12.83
CA LYS C 17 4.77 15.62 -11.50
C LYS C 17 4.00 16.92 -11.46
N VAL C 18 4.24 17.79 -12.45
CA VAL C 18 3.49 19.04 -12.50
C VAL C 18 1.98 18.75 -12.54
N LEU C 19 1.53 17.76 -13.30
CA LEU C 19 0.10 17.51 -13.29
C LEU C 19 -0.38 16.84 -12.02
N GLU C 20 0.48 16.08 -11.35
CA GLU C 20 0.07 15.53 -10.06
C GLU C 20 -0.17 16.70 -9.11
N ALA C 21 0.69 17.71 -9.20
CA ALA C 21 0.56 18.91 -8.39
C ALA C 21 -0.61 19.87 -8.78
N LEU C 22 -1.42 19.52 -9.79
CA LEU C 22 -2.49 20.44 -10.19
C LEU C 22 -3.84 19.77 -10.21
N LYS C 23 -3.88 18.49 -10.56
CA LYS C 23 -5.15 17.82 -10.86
C LYS C 23 -6.15 17.86 -9.71
N ASP C 24 -5.70 17.98 -8.47
CA ASP C 24 -6.65 17.93 -7.37
C ASP C 24 -7.21 19.31 -7.03
N LEU C 25 -6.56 20.32 -7.57
CA LEU C 25 -6.87 21.70 -7.31
C LEU C 25 -7.64 22.32 -8.50
N ILE C 26 -7.39 21.83 -9.71
CA ILE C 26 -7.99 22.42 -10.87
C ILE C 26 -8.61 21.39 -11.82
N ASN C 27 -9.88 21.57 -12.22
CA ASN C 27 -10.51 20.70 -13.24
C ASN C 27 -10.09 21.04 -14.66
N GLU C 28 -10.28 22.30 -15.03
CA GLU C 28 -10.07 22.76 -16.41
C GLU C 28 -9.26 24.04 -16.38
N ALA C 29 -8.21 24.12 -17.16
CA ALA C 29 -7.46 25.35 -17.14
C ALA C 29 -6.95 25.59 -18.53
N CYS C 30 -6.40 26.76 -18.74
CA CYS C 30 -5.97 27.13 -20.06
C CYS C 30 -4.45 27.30 -20.08
N TRP C 31 -3.75 26.46 -20.83
CA TRP C 31 -2.31 26.61 -20.98
C TRP C 31 -1.99 27.66 -22.01
N ASP C 32 -1.41 28.78 -21.56
CA ASP C 32 -0.85 29.76 -22.45
C ASP C 32 0.50 29.35 -23.03
N ILE C 33 0.50 28.99 -24.31
CA ILE C 33 1.71 28.59 -24.98
C ILE C 33 2.19 29.69 -25.94
N SER C 34 3.44 30.09 -25.79
CA SER C 34 4.05 31.07 -26.66
C SER C 34 5.48 30.69 -26.95
N SER C 35 6.20 31.62 -27.58
CA SER C 35 7.60 31.40 -27.85
C SER C 35 8.38 31.36 -26.53
N SER C 36 7.87 31.97 -25.49
CA SER C 36 8.67 32.08 -24.30
C SER C 36 8.45 30.88 -23.37
N GLY C 37 7.37 30.13 -23.59
CA GLY C 37 7.14 28.94 -22.82
C GLY C 37 5.73 28.47 -22.61
N VAL C 38 5.61 27.59 -21.66
CA VAL C 38 4.30 27.10 -21.29
C VAL C 38 3.96 27.80 -19.96
N ASN C 39 2.88 28.55 -19.98
CA ASN C 39 2.44 29.25 -18.80
C ASN C 39 1.03 28.84 -18.48
N LEU C 40 0.78 28.63 -17.20
CA LEU C 40 -0.56 28.31 -16.80
C LEU C 40 -0.89 29.13 -15.59
N GLN C 41 -1.99 29.88 -15.65
CA GLN C 41 -2.46 30.59 -14.48
C GLN C 41 -3.91 30.28 -14.24
N SER C 42 -4.29 29.98 -13.01
CA SER C 42 -5.68 29.63 -12.74
C SER C 42 -5.97 29.61 -11.28
N MET C 43 -7.11 30.18 -10.90
CA MET C 43 -7.73 29.91 -9.65
C MET C 43 -8.24 28.50 -9.64
N ASP C 44 -8.40 27.98 -8.42
CA ASP C 44 -8.78 26.60 -8.21
C ASP C 44 -10.29 26.58 -8.21
N SER C 45 -10.87 25.41 -8.43
CA SER C 45 -12.30 25.18 -8.46
C SER C 45 -13.12 26.03 -7.51
N SER C 46 -12.59 26.28 -6.30
CA SER C 46 -13.40 26.92 -5.29
C SER C 46 -13.16 28.40 -5.24
N HIS C 47 -12.24 28.85 -6.08
CA HIS C 47 -11.80 30.22 -6.13
C HIS C 47 -11.08 30.66 -4.86
N VAL C 48 -10.42 29.74 -4.19
CA VAL C 48 -9.77 30.13 -2.96
C VAL C 48 -8.34 30.50 -3.29
N SER C 49 -7.65 29.57 -3.95
CA SER C 49 -6.27 29.84 -4.27
C SER C 49 -6.03 30.11 -5.75
N LEU C 50 -4.84 30.59 -6.01
CA LEU C 50 -4.39 30.85 -7.34
C LEU C 50 -3.15 30.03 -7.58
N VAL C 51 -3.07 29.30 -8.69
CA VAL C 51 -1.79 28.72 -9.06
C VAL C 51 -1.21 29.26 -10.34
N GLN C 52 0.10 29.48 -10.31
CA GLN C 52 0.84 29.95 -11.43
C GLN C 52 2.02 29.07 -11.82
N LEU C 53 1.97 28.53 -13.02
CA LEU C 53 2.95 27.60 -13.50
C LEU C 53 3.71 28.18 -14.68
N THR C 54 5.03 28.17 -14.57
CA THR C 54 5.88 28.63 -15.63
C THR C 54 6.88 27.53 -16.08
N LEU C 55 6.81 27.13 -17.34
CA LEU C 55 7.89 26.32 -17.89
C LEU C 55 8.52 27.13 -18.99
N ARG C 56 9.70 27.69 -18.73
CA ARG C 56 10.38 28.54 -19.68
C ARG C 56 10.83 27.68 -20.85
N SER C 57 10.72 28.23 -22.06
CA SER C 57 10.96 27.41 -23.25
C SER C 57 12.44 26.96 -23.39
N GLU C 58 13.36 27.69 -22.74
CA GLU C 58 14.78 27.33 -22.72
C GLU C 58 14.93 25.89 -22.15
N GLY C 59 14.01 25.51 -21.26
CA GLY C 59 14.12 24.31 -20.46
C GLY C 59 13.73 23.06 -21.19
N PHE C 60 13.23 23.20 -22.42
CA PHE C 60 12.94 22.02 -23.22
C PHE C 60 14.14 21.76 -24.08
N ASP C 61 14.31 20.53 -24.50
CA ASP C 61 15.49 20.19 -25.26
C ASP C 61 15.16 20.62 -26.70
N THR C 62 13.86 20.61 -26.98
CA THR C 62 13.37 21.09 -28.25
C THR C 62 12.05 21.88 -28.12
N TYR C 63 11.98 23.04 -28.76
CA TYR C 63 10.79 23.84 -28.61
C TYR C 63 10.46 24.67 -29.85
N ARG C 64 9.26 24.46 -30.36
CA ARG C 64 8.73 25.20 -31.50
C ARG C 64 7.31 25.68 -31.28
N CYS C 65 7.11 26.95 -31.46
CA CYS C 65 5.81 27.53 -31.27
C CYS C 65 5.63 28.54 -32.37
N ASP C 66 5.07 28.15 -33.50
CA ASP C 66 4.81 29.11 -34.58
C ASP C 66 3.94 30.25 -34.09
N ARG C 67 2.79 29.93 -33.57
CA ARG C 67 1.94 31.00 -33.14
C ARG C 67 1.46 30.75 -31.73
N ASN C 68 1.09 31.82 -31.03
CA ASN C 68 0.54 31.71 -29.69
C ASN C 68 -0.70 30.81 -29.63
N LEU C 69 -0.74 29.89 -28.67
CA LEU C 69 -1.95 29.10 -28.41
C LEU C 69 -2.44 29.20 -26.97
N ALA C 70 -3.76 29.15 -26.83
CA ALA C 70 -4.41 29.09 -25.54
C ALA C 70 -5.18 27.81 -25.49
N MET C 71 -4.55 26.70 -25.07
CA MET C 71 -5.24 25.41 -25.07
C MET C 71 -5.97 25.13 -23.76
N GLY C 72 -7.28 25.05 -23.85
CA GLY C 72 -8.10 24.68 -22.71
C GLY C 72 -8.04 23.18 -22.52
N VAL C 73 -7.66 22.76 -21.33
CA VAL C 73 -7.27 21.38 -21.09
C VAL C 73 -8.03 20.82 -19.93
N ASN C 74 -8.59 19.63 -20.07
CA ASN C 74 -9.12 18.97 -18.89
C ASN C 74 -7.94 18.39 -18.15
N LEU C 75 -7.68 18.88 -16.94
CA LEU C 75 -6.53 18.41 -16.16
C LEU C 75 -6.67 16.96 -15.68
N THR C 76 -7.84 16.57 -15.22
CA THR C 76 -8.11 15.15 -14.92
C THR C 76 -7.78 14.22 -16.09
N SER C 77 -8.17 14.59 -17.30
CA SER C 77 -7.85 13.77 -18.45
C SER C 77 -6.36 13.83 -18.68
N MET C 78 -5.79 15.03 -18.71
CA MET C 78 -4.37 15.10 -18.98
C MET C 78 -3.51 14.33 -17.94
N SER C 79 -4.06 14.20 -16.73
CA SER C 79 -3.36 13.51 -15.67
C SER C 79 -3.41 11.99 -15.88
N LYS C 80 -4.57 11.48 -16.27
CA LYS C 80 -4.68 10.07 -16.59
C LYS C 80 -3.72 9.71 -17.71
N ILE C 81 -3.69 10.53 -18.75
CA ILE C 81 -2.81 10.26 -19.89
C ILE C 81 -1.34 10.32 -19.49
N LEU C 82 -0.95 11.26 -18.63
CA LEU C 82 0.45 11.25 -18.18
C LEU C 82 0.78 10.04 -17.28
N LYS C 83 -0.23 9.46 -16.66
CA LYS C 83 -0.06 8.26 -15.88
C LYS C 83 0.34 7.06 -16.75
N CYS C 84 0.18 7.21 -18.08
CA CYS C 84 0.61 6.21 -19.09
C CYS C 84 2.03 6.43 -19.60
N ALA C 85 2.75 7.36 -19.01
CA ALA C 85 4.13 7.59 -19.42
C ALA C 85 5.03 7.06 -18.31
N GLY C 86 6.05 6.29 -18.68
CA GLY C 86 6.96 5.79 -17.67
C GLY C 86 7.73 6.95 -17.10
N ASN C 87 8.34 6.78 -15.94
CA ASN C 87 9.08 7.89 -15.38
C ASN C 87 10.38 8.28 -16.11
N GLU C 88 10.80 7.49 -17.07
CA GLU C 88 12.07 7.79 -17.70
C GLU C 88 11.83 8.19 -19.15
N ASP C 89 10.56 8.13 -19.54
CA ASP C 89 10.11 8.47 -20.88
C ASP C 89 10.46 9.94 -21.33
N ILE C 90 10.82 10.10 -22.59
CA ILE C 90 10.95 11.39 -23.23
C ILE C 90 9.56 11.83 -23.67
N ILE C 91 9.07 12.98 -23.21
CA ILE C 91 7.70 13.42 -23.53
C ILE C 91 7.65 14.61 -24.51
N THR C 92 6.71 14.56 -25.44
CA THR C 92 6.55 15.57 -26.48
C THR C 92 5.11 16.06 -26.56
N LEU C 93 4.88 17.34 -26.28
CA LEU C 93 3.56 17.94 -26.60
C LEU C 93 3.63 18.44 -28.02
N ARG C 94 2.53 18.21 -28.73
CA ARG C 94 2.45 18.47 -30.12
C ARG C 94 1.08 19.07 -30.30
N ALA C 95 0.98 20.15 -31.06
CA ALA C 95 -0.32 20.75 -31.34
C ALA C 95 -0.18 21.41 -32.66
N GLU C 96 -1.16 21.21 -33.52
CA GLU C 96 -1.06 21.83 -34.81
C GLU C 96 -2.01 23.01 -34.76
N ASP C 97 -1.51 24.24 -34.89
CA ASP C 97 -2.39 25.42 -34.92
C ASP C 97 -3.28 25.26 -36.13
N ASN C 98 -4.48 24.78 -35.83
CA ASN C 98 -5.48 24.06 -36.63
C ASN C 98 -6.22 23.31 -35.51
N ALA C 99 -6.61 22.07 -35.82
CA ALA C 99 -6.99 20.99 -34.89
C ALA C 99 -7.63 21.31 -33.52
N ASP C 100 -8.39 20.33 -33.06
CA ASP C 100 -9.16 20.41 -31.82
C ASP C 100 -8.35 19.73 -30.70
N THR C 101 -7.09 19.41 -30.99
CA THR C 101 -6.40 18.36 -30.28
C THR C 101 -4.96 18.67 -29.81
N LEU C 102 -4.67 18.28 -28.57
CA LEU C 102 -3.30 18.26 -28.10
C LEU C 102 -2.76 16.84 -28.16
N ALA C 103 -1.61 16.65 -28.77
CA ALA C 103 -1.04 15.31 -28.76
C ALA C 103 0.09 15.17 -27.73
N LEU C 104 0.03 14.10 -26.93
CA LEU C 104 1.15 13.80 -26.06
C LEU C 104 1.83 12.55 -26.59
N VAL C 105 3.16 12.62 -26.74
CA VAL C 105 3.95 11.52 -27.28
C VAL C 105 5.00 11.07 -26.27
N PHE C 106 5.00 9.78 -25.98
CA PHE C 106 5.85 9.18 -24.94
C PHE C 106 6.84 8.25 -25.58
N GLU C 107 8.12 8.60 -25.58
CA GLU C 107 9.18 7.66 -26.01
C GLU C 107 9.80 6.98 -24.82
N ALA C 108 9.61 5.67 -24.72
CA ALA C 108 10.22 4.94 -23.62
C ALA C 108 11.76 5.01 -23.75
N PRO C 109 12.47 4.93 -22.61
CA PRO C 109 13.93 4.97 -22.63
C PRO C 109 14.55 3.85 -23.45
N ASN C 110 13.80 2.79 -23.78
CA ASN C 110 14.33 1.62 -24.50
C ASN C 110 14.29 1.66 -26.06
N GLN C 111 13.57 2.61 -26.66
CA GLN C 111 13.65 2.98 -28.10
C GLN C 111 12.91 2.14 -29.14
N GLU C 112 12.25 1.06 -28.75
CA GLU C 112 11.35 0.36 -29.69
C GLU C 112 9.89 0.57 -29.31
N LYS C 113 9.63 1.40 -28.30
CA LYS C 113 8.26 1.61 -27.81
C LYS C 113 7.90 3.10 -27.83
N VAL C 114 6.82 3.45 -28.53
CA VAL C 114 6.37 4.85 -28.63
C VAL C 114 4.81 4.97 -28.58
N SER C 115 4.33 5.67 -27.57
CA SER C 115 2.92 5.86 -27.37
C SER C 115 2.56 7.28 -27.81
N ASP C 116 1.36 7.45 -28.34
CA ASP C 116 0.85 8.76 -28.53
C ASP C 116 -0.60 8.78 -28.12
N TYR C 117 -0.99 9.92 -27.58
CA TYR C 117 -2.34 10.13 -27.11
C TYR C 117 -2.80 11.47 -27.66
N GLU C 118 -4.09 11.58 -27.90
CA GLU C 118 -4.62 12.80 -28.44
C GLU C 118 -5.80 13.19 -27.58
N MET C 119 -5.63 14.34 -26.97
CA MET C 119 -6.62 14.90 -26.11
C MET C 119 -7.50 15.93 -26.85
N LYS C 120 -8.81 15.86 -26.62
CA LYS C 120 -9.73 16.85 -27.18
C LYS C 120 -9.69 18.10 -26.30
N LEU C 121 -9.35 19.23 -26.91
CA LEU C 121 -9.24 20.51 -26.20
C LEU C 121 -10.61 21.19 -25.95
N MET C 122 -10.60 22.27 -25.18
CA MET C 122 -11.82 22.86 -24.64
C MET C 122 -11.82 24.35 -24.80
N ASP C 123 -13.01 24.93 -24.99
CA ASP C 123 -13.11 26.38 -25.01
C ASP C 123 -13.41 26.94 -23.62
N LEU C 124 -12.38 27.45 -22.96
CA LEU C 124 -12.49 28.05 -21.62
C LEU C 124 -12.31 29.55 -21.69
N ASP C 125 -12.99 30.30 -20.83
CA ASP C 125 -12.80 31.74 -20.96
C ASP C 125 -11.53 32.13 -20.20
N VAL C 126 -10.48 32.47 -20.98
CA VAL C 126 -9.24 32.98 -20.41
C VAL C 126 -9.53 34.21 -19.57
N GLU C 127 -9.07 34.17 -18.33
CA GLU C 127 -9.04 35.31 -17.47
C GLU C 127 -7.74 35.22 -16.77
N GLN C 128 -7.00 36.30 -16.65
CA GLN C 128 -5.85 36.18 -15.80
C GLN C 128 -5.77 37.33 -14.85
N LEU C 129 -5.33 37.00 -13.65
CA LEU C 129 -5.34 37.94 -12.58
C LEU C 129 -3.99 38.65 -12.60
N GLY C 130 -3.98 39.85 -12.05
CA GLY C 130 -2.81 40.67 -12.06
C GLY C 130 -2.22 40.57 -10.69
N ILE C 131 -1.01 40.06 -10.64
CA ILE C 131 -0.39 39.84 -9.37
C ILE C 131 0.40 41.08 -9.06
N PRO C 132 0.03 41.76 -7.97
CA PRO C 132 0.70 42.95 -7.44
C PRO C 132 2.09 42.65 -6.97
N GLU C 133 2.98 43.62 -7.07
CA GLU C 133 4.29 43.55 -6.44
C GLU C 133 4.13 43.73 -4.90
N GLN C 134 4.92 43.00 -4.12
CA GLN C 134 4.81 43.03 -2.65
C GLN C 134 6.15 42.78 -1.97
N GLU C 135 6.41 43.52 -0.90
CA GLU C 135 7.57 43.25 -0.05
C GLU C 135 7.05 42.30 1.01
N TYR C 136 7.86 41.35 1.41
CA TYR C 136 7.34 40.40 2.35
C TYR C 136 8.02 40.58 3.68
N SER C 137 7.24 40.59 4.76
CA SER C 137 7.82 40.61 6.10
C SER C 137 8.69 39.38 6.30
N CYS C 138 8.22 38.24 5.83
CA CYS C 138 8.87 36.96 6.11
C CYS C 138 9.05 36.05 4.93
N VAL C 139 10.27 35.59 4.74
CA VAL C 139 10.49 34.60 3.71
C VAL C 139 11.24 33.42 4.33
N VAL C 140 10.63 32.26 4.16
CA VAL C 140 11.15 31.08 4.76
C VAL C 140 11.48 30.11 3.65
N LYS C 141 12.74 29.73 3.55
CA LYS C 141 13.10 28.68 2.64
C LYS C 141 13.48 27.42 3.45
N MET C 142 12.70 26.35 3.33
CA MET C 142 12.96 25.11 4.08
C MET C 142 12.85 23.91 3.16
N PRO C 143 13.39 22.77 3.57
CA PRO C 143 13.20 21.59 2.69
C PRO C 143 11.72 21.33 2.37
N SER C 144 11.43 20.85 1.18
CA SER C 144 10.05 20.65 0.80
C SER C 144 9.38 19.47 1.56
N GLY C 145 10.12 18.38 1.71
CA GLY C 145 9.67 17.21 2.48
C GLY C 145 9.25 17.51 3.91
N GLU C 146 10.03 18.35 4.58
CA GLU C 146 9.64 18.84 5.89
C GLU C 146 8.32 19.64 5.82
N PHE C 147 8.20 20.62 4.92
CA PHE C 147 6.93 21.37 4.87
C PHE C 147 5.76 20.41 4.61
N ALA C 148 5.94 19.46 3.70
CA ALA C 148 4.89 18.50 3.41
C ALA C 148 4.48 17.73 4.67
N ARG C 149 5.47 17.34 5.48
CA ARG C 149 5.23 16.52 6.66
C ARG C 149 4.57 17.31 7.80
N ILE C 150 5.01 18.55 8.02
CA ILE C 150 4.35 19.45 8.98
C ILE C 150 2.86 19.72 8.66
N CYS C 151 2.54 19.98 7.39
CA CYS C 151 1.15 20.19 6.98
C CYS C 151 0.32 18.94 7.12
N ARG C 152 0.96 17.80 6.83
CA ARG C 152 0.31 16.50 6.93
C ARG C 152 -0.03 16.17 8.39
N ASP C 153 0.95 16.26 9.27
CA ASP C 153 0.75 15.97 10.69
C ASP C 153 -0.35 16.86 11.24
N LEU C 154 -0.26 18.17 10.98
CA LEU C 154 -1.09 19.10 11.69
C LEU C 154 -2.53 19.06 11.21
N SER C 155 -2.76 18.45 10.05
CA SER C 155 -4.12 18.34 9.54
C SER C 155 -4.93 17.37 10.39
N HIS C 156 -4.21 16.61 11.20
CA HIS C 156 -4.83 15.64 12.07
C HIS C 156 -5.22 16.29 13.37
N ILE C 157 -4.86 17.57 13.50
CA ILE C 157 -5.23 18.31 14.70
C ILE C 157 -6.38 19.29 14.46
N GLY C 158 -6.30 20.06 13.39
CA GLY C 158 -7.21 21.16 13.22
C GLY C 158 -7.34 21.45 11.76
N ASP C 159 -8.20 22.40 11.41
CA ASP C 159 -8.38 22.72 10.02
C ASP C 159 -7.60 24.02 9.64
N ALA C 160 -6.94 24.65 10.62
CA ALA C 160 -6.07 25.78 10.37
C ALA C 160 -4.70 25.61 11.02
N VAL C 161 -3.68 26.21 10.42
CA VAL C 161 -2.37 26.32 11.05
C VAL C 161 -1.95 27.79 11.25
N VAL C 162 -1.43 28.08 12.44
CA VAL C 162 -0.91 29.40 12.74
C VAL C 162 0.58 29.30 12.41
N ILE C 163 1.08 30.23 11.59
CA ILE C 163 2.52 30.25 11.31
C ILE C 163 3.15 31.49 11.92
N SER C 164 4.14 31.23 12.79
CA SER C 164 4.74 32.27 13.57
C SER C 164 6.22 32.27 13.30
N CYS C 165 6.72 33.41 12.90
CA CYS C 165 8.09 33.46 12.44
C CYS C 165 8.90 34.51 13.21
N ALA C 166 10.16 34.22 13.47
CA ALA C 166 11.05 35.16 14.13
C ALA C 166 12.40 35.10 13.44
N LYS C 167 13.44 35.66 14.05
CA LYS C 167 14.75 35.63 13.42
C LYS C 167 15.42 34.29 13.66
N ASP C 168 15.02 33.64 14.76
CA ASP C 168 15.63 32.40 15.18
C ASP C 168 14.96 31.15 14.60
N GLY C 169 13.63 31.15 14.54
CA GLY C 169 12.94 29.97 14.06
C GLY C 169 11.55 30.23 13.56
N VAL C 170 10.84 29.15 13.23
CA VAL C 170 9.44 29.28 12.78
C VAL C 170 8.59 28.19 13.42
N LYS C 171 7.41 28.60 13.89
CA LYS C 171 6.54 27.73 14.67
C LYS C 171 5.24 27.45 13.93
N PHE C 172 4.84 26.21 13.87
CA PHE C 172 3.57 25.91 13.24
C PHE C 172 2.58 25.33 14.25
N SER C 173 1.40 25.91 14.39
CA SER C 173 0.48 25.48 15.45
C SER C 173 -0.96 25.21 15.00
N ALA C 174 -1.51 24.11 15.48
CA ALA C 174 -2.89 23.82 15.13
C ALA C 174 -3.66 23.52 16.39
N SER C 175 -4.97 23.36 16.26
CA SER C 175 -5.77 23.01 17.40
C SER C 175 -7.13 22.55 16.98
N GLY C 176 -7.64 21.55 17.66
CA GLY C 176 -8.89 20.92 17.27
C GLY C 176 -9.48 20.13 18.41
N GLU C 177 -10.40 19.24 18.08
CA GLU C 177 -11.11 18.52 19.11
C GLU C 177 -10.17 17.56 19.89
N LEU C 178 -9.12 17.02 19.24
CA LEU C 178 -8.11 16.18 19.94
C LEU C 178 -7.27 16.96 20.93
N GLY C 179 -7.00 18.23 20.62
CA GLY C 179 -6.09 19.04 21.38
C GLY C 179 -5.33 20.06 20.53
N ASN C 180 -4.08 20.33 20.91
CA ASN C 180 -3.24 21.32 20.28
C ASN C 180 -1.91 20.75 19.87
N GLY C 181 -1.41 21.11 18.69
CA GLY C 181 -0.02 20.84 18.32
C GLY C 181 0.82 22.11 18.13
N ASN C 182 2.13 21.98 18.27
CA ASN C 182 3.05 23.05 17.97
C ASN C 182 4.34 22.43 17.40
N ILE C 183 4.80 22.92 16.25
CA ILE C 183 6.02 22.38 15.62
C ILE C 183 7.00 23.54 15.47
N LYS C 184 8.17 23.42 16.08
CA LYS C 184 9.14 24.49 15.93
C LYS C 184 10.34 23.99 15.16
N LEU C 185 10.69 24.78 14.16
CA LEU C 185 11.94 24.60 13.40
C LEU C 185 12.89 25.73 13.70
N SER C 186 14.13 25.39 13.97
CA SER C 186 15.13 26.45 14.15
C SER C 186 15.90 26.68 12.86
N GLN C 187 16.38 27.91 12.69
CA GLN C 187 17.18 28.26 11.52
C GLN C 187 18.51 27.57 11.61
N THR C 188 18.99 27.02 10.50
CA THR C 188 20.20 26.20 10.57
C THR C 188 21.47 26.95 10.24
N SER C 189 22.33 27.06 11.26
CA SER C 189 23.77 27.17 11.13
C SER C 189 24.21 27.14 9.67
N ASN C 190 24.18 25.90 9.17
CA ASN C 190 23.92 25.51 7.78
C ASN C 190 24.27 23.99 7.76
N VAL C 191 23.28 23.12 7.51
CA VAL C 191 23.46 21.65 7.45
C VAL C 191 24.57 21.27 6.44
N ASP C 192 25.27 20.15 6.65
CA ASP C 192 26.51 19.81 5.92
C ASP C 192 26.34 19.60 4.41
N LYS C 193 25.22 18.98 4.01
CA LYS C 193 24.88 18.98 2.59
C LYS C 193 23.56 19.74 2.30
N GLU C 194 23.35 20.83 3.03
CA GLU C 194 22.56 22.01 2.62
C GLU C 194 21.01 21.93 2.62
N GLU C 195 20.35 21.42 1.57
CA GLU C 195 18.86 21.38 1.55
C GLU C 195 18.26 20.47 2.64
N GLU C 196 18.77 20.65 3.86
CA GLU C 196 18.09 20.32 5.12
C GLU C 196 18.17 21.59 5.95
N ALA C 197 18.65 22.67 5.31
CA ALA C 197 18.72 23.99 5.92
C ALA C 197 17.36 24.67 5.97
N VAL C 198 17.09 25.32 7.10
CA VAL C 198 15.96 26.23 7.21
C VAL C 198 16.49 27.65 7.28
N THR C 199 16.03 28.49 6.35
CA THR C 199 16.50 29.86 6.28
C THR C 199 15.36 30.86 6.45
N ILE C 200 15.57 31.90 7.25
CA ILE C 200 14.57 32.96 7.36
C ILE C 200 15.17 34.32 6.95
N GLU C 201 14.50 35.01 6.05
CA GLU C 201 14.84 36.39 5.73
C GLU C 201 13.71 37.26 6.20
N MET C 202 13.86 37.82 7.40
CA MET C 202 12.78 38.57 8.03
C MET C 202 13.15 40.05 8.27
N ASN C 203 12.25 40.97 7.91
CA ASN C 203 12.40 42.37 8.30
C ASN C 203 11.33 42.72 9.34
N GLU C 204 10.41 41.79 9.55
CA GLU C 204 9.36 41.95 10.53
C GLU C 204 8.68 40.61 10.82
N PRO C 205 8.60 40.23 12.11
CA PRO C 205 7.85 39.03 12.50
C PRO C 205 6.39 38.99 12.03
N VAL C 206 5.86 37.79 11.85
CA VAL C 206 4.48 37.61 11.42
C VAL C 206 3.81 36.55 12.24
N GLN C 207 2.50 36.67 12.38
CA GLN C 207 1.71 35.60 12.95
C GLN C 207 0.42 35.45 12.15
N LEU C 208 0.43 34.49 11.24
CA LEU C 208 -0.63 34.36 10.25
C LEU C 208 -1.26 33.01 10.27
N THR C 209 -2.57 32.99 10.00
CA THR C 209 -3.36 31.77 10.01
C THR C 209 -3.81 31.34 8.61
N PHE C 210 -3.48 30.10 8.22
CA PHE C 210 -3.80 29.56 6.89
C PHE C 210 -4.60 28.27 6.97
N ALA C 211 -5.29 27.92 5.89
CA ALA C 211 -6.14 26.71 5.86
C ALA C 211 -5.37 25.45 5.43
N LEU C 212 -5.38 24.43 6.32
CA LEU C 212 -4.66 23.19 6.08
C LEU C 212 -5.14 22.47 4.85
N ARG C 213 -6.43 22.57 4.53
CA ARG C 213 -6.92 21.99 3.26
C ARG C 213 -6.11 22.46 2.02
N TYR C 214 -5.91 23.78 1.87
CA TYR C 214 -5.13 24.29 0.74
C TYR C 214 -3.65 24.05 0.88
N LEU C 215 -3.06 24.29 2.04
CA LEU C 215 -1.66 23.91 2.18
C LEU C 215 -1.35 22.42 1.78
N ASN C 216 -2.20 21.48 2.17
CA ASN C 216 -1.99 20.08 1.80
C ASN C 216 -2.19 19.76 0.32
N PHE C 217 -2.93 20.60 -0.40
CA PHE C 217 -2.96 20.55 -1.84
C PHE C 217 -1.65 21.03 -2.42
N PHE C 218 -1.10 22.08 -1.81
CA PHE C 218 0.08 22.74 -2.36
C PHE C 218 1.30 21.79 -2.31
N THR C 219 1.41 21.01 -1.23
CA THR C 219 2.55 20.12 -1.02
C THR C 219 2.56 18.89 -1.93
N LYS C 220 1.57 18.78 -2.79
CA LYS C 220 1.60 17.78 -3.86
C LYS C 220 2.68 18.11 -4.88
N ALA C 221 3.24 19.32 -4.84
CA ALA C 221 4.33 19.70 -5.77
C ALA C 221 5.70 19.34 -5.22
N THR C 222 5.71 18.75 -4.03
CA THR C 222 6.93 18.37 -3.32
C THR C 222 7.91 17.57 -4.19
N PRO C 223 7.44 16.57 -4.93
CA PRO C 223 8.47 15.90 -5.74
C PRO C 223 9.21 16.76 -6.75
N LEU C 224 8.75 17.99 -7.00
CA LEU C 224 9.37 18.85 -8.01
C LEU C 224 10.63 19.55 -7.52
N SER C 225 10.82 19.62 -6.22
CA SER C 225 11.82 20.53 -5.71
C SER C 225 12.25 20.05 -4.35
N SER C 226 13.54 20.07 -4.08
CA SER C 226 14.02 19.59 -2.78
C SER C 226 13.76 20.64 -1.70
N THR C 227 13.46 21.88 -2.12
CA THR C 227 13.14 22.94 -1.16
C THR C 227 11.89 23.71 -1.55
N VAL C 228 11.32 24.44 -0.58
CA VAL C 228 10.09 25.23 -0.74
C VAL C 228 10.30 26.60 -0.13
N THR C 229 9.52 27.58 -0.55
CA THR C 229 9.67 28.90 -0.03
C THR C 229 8.32 29.46 0.35
N LEU C 230 8.21 29.95 1.57
CA LEU C 230 6.99 30.62 1.94
C LEU C 230 7.22 32.10 2.10
N SER C 231 6.39 32.92 1.47
CA SER C 231 6.53 34.37 1.64
C SER C 231 5.29 34.92 2.31
N MET C 232 5.48 35.55 3.45
CA MET C 232 4.36 35.98 4.25
C MET C 232 4.49 37.42 4.64
N SER C 233 3.33 38.02 4.84
CA SER C 233 3.16 39.38 5.28
C SER C 233 1.70 39.50 5.71
N ALA C 234 1.43 40.39 6.66
CA ALA C 234 0.09 40.48 7.24
C ALA C 234 -0.91 40.89 6.17
N ASP C 235 -2.05 40.23 6.17
CA ASP C 235 -3.19 40.73 5.46
C ASP C 235 -2.87 40.85 3.96
N VAL C 236 -2.07 39.90 3.50
CA VAL C 236 -1.52 39.82 2.13
C VAL C 236 -1.31 38.32 1.85
N PRO C 237 -1.69 37.86 0.65
CA PRO C 237 -1.66 36.41 0.35
C PRO C 237 -0.32 35.77 0.56
N LEU C 238 -0.36 34.52 1.01
CA LEU C 238 0.82 33.70 1.11
C LEU C 238 1.24 33.22 -0.25
N VAL C 239 2.54 33.25 -0.49
CA VAL C 239 3.14 32.60 -1.66
C VAL C 239 3.94 31.37 -1.28
N VAL C 240 3.56 30.24 -1.85
CA VAL C 240 4.29 28.99 -1.70
C VAL C 240 4.95 28.73 -3.06
N GLU C 241 6.27 28.60 -3.10
CA GLU C 241 6.95 28.46 -4.36
C GLU C 241 7.89 27.25 -4.45
N TYR C 242 7.68 26.45 -5.48
CA TYR C 242 8.60 25.40 -5.85
C TYR C 242 9.40 25.76 -7.16
N LYS C 243 10.74 25.86 -7.08
CA LYS C 243 11.62 25.92 -8.25
C LYS C 243 11.59 24.62 -9.01
N ILE C 244 11.39 24.64 -10.33
CA ILE C 244 11.53 23.43 -11.14
C ILE C 244 12.81 23.57 -11.96
N ALA C 245 13.78 22.70 -11.61
CA ALA C 245 15.20 22.92 -11.76
C ALA C 245 15.56 23.54 -13.05
N ASP C 246 16.07 24.77 -12.89
CA ASP C 246 16.38 25.73 -13.94
C ASP C 246 15.39 25.77 -15.11
N MET C 247 14.13 25.42 -14.87
CA MET C 247 13.18 25.40 -15.97
C MET C 247 12.09 26.46 -15.78
N GLY C 248 11.81 26.80 -14.52
CA GLY C 248 10.71 27.65 -14.18
C GLY C 248 10.26 27.38 -12.77
N HIS C 249 8.97 27.45 -12.54
CA HIS C 249 8.48 27.31 -11.19
C HIS C 249 6.99 27.07 -11.12
N LEU C 250 6.53 26.86 -9.90
CA LEU C 250 5.12 26.64 -9.62
C LEU C 250 4.81 27.38 -8.33
N LYS C 251 3.91 28.34 -8.40
CA LYS C 251 3.61 29.20 -7.27
C LYS C 251 2.15 29.03 -6.84
N TYR C 252 1.90 29.17 -5.56
CA TYR C 252 0.56 29.01 -5.04
C TYR C 252 0.26 30.18 -4.15
N TYR C 253 -0.91 30.80 -4.25
CA TYR C 253 -1.24 32.00 -3.47
C TYR C 253 -2.45 31.70 -2.67
N LEU C 254 -2.44 32.09 -1.41
CA LEU C 254 -3.52 31.77 -0.49
C LEU C 254 -3.74 32.86 0.57
N ALA C 255 -4.98 33.33 0.74
CA ALA C 255 -5.21 34.39 1.71
C ALA C 255 -5.13 33.86 3.14
N PRO C 256 -4.43 34.62 4.03
CA PRO C 256 -4.41 34.31 5.47
C PRO C 256 -5.75 34.66 6.12
N LYS C 257 -5.88 34.42 7.42
CA LYS C 257 -7.08 34.81 8.16
C LYS C 257 -7.16 36.35 8.25
N ILE C 258 -8.42 36.83 8.20
CA ILE C 258 -8.87 38.23 8.09
C ILE C 258 -7.94 39.17 7.31
N ALA D 1 -1.06 9.65 9.47
CA ALA D 1 0.08 9.70 8.53
C ALA D 1 -0.29 9.70 7.02
N PRO D 2 -1.54 9.41 6.63
CA PRO D 2 -1.98 10.04 5.38
C PRO D 2 -2.66 11.39 5.68
N VAL D 3 -2.66 12.39 4.76
CA VAL D 3 -3.33 13.67 5.04
C VAL D 3 -4.77 13.44 5.46
N CYS D 4 -5.25 14.11 6.51
CA CYS D 4 -6.69 14.20 6.73
C CYS D 4 -7.21 15.36 5.90
N VAL D 5 -8.07 15.12 4.91
CA VAL D 5 -8.50 16.24 4.06
C VAL D 5 -9.52 17.06 4.86
N ARG D 6 -9.24 18.35 5.04
CA ARG D 6 -10.00 19.25 5.95
C ARG D 6 -10.95 20.12 5.16
N PRO D 7 -12.04 20.56 5.79
CA PRO D 7 -12.96 21.42 5.02
C PRO D 7 -12.39 22.84 4.85
N THR D 8 -13.05 23.65 4.03
CA THR D 8 -12.62 25.03 3.84
C THR D 8 -13.13 25.84 5.03
N PRO D 9 -12.24 26.52 5.77
CA PRO D 9 -12.75 27.20 6.95
C PRO D 9 -13.64 28.34 6.52
N LYS D 10 -14.66 28.65 7.30
CA LYS D 10 -15.69 29.64 6.93
C LYS D 10 -15.12 31.04 6.72
N TRP D 11 -14.00 31.38 7.37
CA TRP D 11 -13.35 32.69 7.18
C TRP D 11 -12.46 32.85 5.94
N GLN D 12 -12.39 31.86 5.07
CA GLN D 12 -11.43 31.88 3.98
C GLN D 12 -11.86 32.87 2.94
N LYS D 13 -11.06 33.90 2.75
CA LYS D 13 -11.33 34.76 1.63
C LYS D 13 -10.73 34.20 0.31
N GLY D 14 -11.48 34.30 -0.79
CA GLY D 14 -10.93 33.98 -2.10
C GLY D 14 -9.81 34.94 -2.53
N ILE D 15 -8.90 34.45 -3.38
CA ILE D 15 -7.75 35.25 -3.74
C ILE D 15 -8.23 36.41 -4.60
N GLY D 16 -9.41 36.25 -5.22
CA GLY D 16 -9.98 37.28 -6.06
C GLY D 16 -10.41 38.57 -5.34
N GLU D 17 -10.11 38.65 -4.07
CA GLU D 17 -10.60 39.66 -3.15
C GLU D 17 -9.40 40.54 -2.86
N PHE D 18 -8.32 40.18 -3.55
CA PHE D 18 -6.96 40.66 -3.28
C PHE D 18 -6.26 41.11 -4.58
N PHE D 19 -6.46 40.31 -5.63
CA PHE D 19 -5.81 40.47 -6.92
C PHE D 19 -6.93 40.68 -7.90
N ALA D 20 -6.78 41.58 -8.87
CA ALA D 20 -7.90 41.92 -9.77
C ALA D 20 -7.68 41.47 -11.23
N ALA D 21 -8.70 41.59 -12.07
CA ALA D 21 -8.58 41.25 -13.49
C ALA D 21 -8.52 42.50 -14.38
N ALA E 1 -2.49 -12.48 1.91
CA ALA E 1 -3.55 -12.91 2.83
C ALA E 1 -3.87 -11.82 3.92
N PRO E 2 -5.06 -11.21 3.82
CA PRO E 2 -5.26 -10.05 4.74
C PRO E 2 -5.70 -10.32 6.21
N VAL E 3 -6.10 -11.55 6.58
CA VAL E 3 -6.82 -11.90 7.85
C VAL E 3 -8.31 -11.90 7.62
N CYS E 4 -8.95 -13.06 7.71
CA CYS E 4 -10.41 -13.10 7.62
C CYS E 4 -11.08 -12.49 8.85
N VAL E 5 -12.40 -12.29 8.82
CA VAL E 5 -13.11 -11.39 9.75
C VAL E 5 -13.79 -12.06 10.97
N ARG E 6 -13.71 -13.40 11.00
CA ARG E 6 -14.26 -14.31 12.01
C ARG E 6 -15.06 -13.80 13.23
N PRO E 7 -16.32 -14.26 13.35
CA PRO E 7 -17.20 -13.99 14.48
C PRO E 7 -16.77 -14.63 15.82
N THR E 8 -17.07 -13.99 16.95
CA THR E 8 -16.91 -14.60 18.26
C THR E 8 -17.73 -15.89 18.38
N PRO E 9 -17.05 -17.00 18.69
CA PRO E 9 -17.72 -18.29 18.86
C PRO E 9 -18.74 -18.36 20.02
N LYS E 10 -19.67 -19.31 19.84
CA LYS E 10 -20.79 -19.59 20.72
C LYS E 10 -20.35 -19.77 22.16
N TRP E 11 -19.32 -20.62 22.36
CA TRP E 11 -18.87 -21.04 23.69
C TRP E 11 -18.04 -20.01 24.44
N GLN E 12 -17.78 -18.83 23.84
CA GLN E 12 -16.82 -17.86 24.41
C GLN E 12 -17.22 -17.31 25.78
N LYS E 13 -16.49 -17.72 26.81
CA LYS E 13 -16.70 -17.16 28.13
C LYS E 13 -15.87 -15.89 28.20
N GLY E 14 -16.35 -14.91 28.99
CA GLY E 14 -15.67 -13.63 29.21
C GLY E 14 -14.64 -13.75 30.29
N ILE E 15 -13.67 -12.85 30.28
CA ILE E 15 -12.50 -13.01 31.10
C ILE E 15 -12.88 -12.70 32.55
N GLY E 16 -13.98 -11.97 32.69
CA GLY E 16 -14.56 -11.63 33.97
C GLY E 16 -14.95 -12.86 34.76
N GLU E 17 -15.18 -13.99 34.10
CA GLU E 17 -15.56 -15.24 34.79
C GLU E 17 -14.36 -15.96 35.39
N PHE E 18 -13.19 -15.36 35.27
CA PHE E 18 -11.98 -16.03 35.68
C PHE E 18 -11.22 -15.17 36.66
N PHE E 19 -11.27 -13.86 36.45
CA PHE E 19 -10.62 -12.93 37.35
C PHE E 19 -11.73 -12.10 38.02
N ALA E 20 -11.51 -11.69 39.26
CA ALA E 20 -12.46 -10.82 39.96
C ALA E 20 -11.86 -9.45 40.17
N ALA E 21 -12.65 -8.52 40.70
CA ALA E 21 -12.16 -7.20 41.06
C ALA E 21 -11.82 -7.13 42.56
#